data_8DE1
#
_entry.id   8DE1
#
_cell.length_a   60.610
_cell.length_b   83.570
_cell.length_c   95.860
_cell.angle_alpha   90.000
_cell.angle_beta   90.440
_cell.angle_gamma   90.000
#
_symmetry.space_group_name_H-M   'P 1 21 1'
#
loop_
_entity.id
_entity.type
_entity.pdbx_description
1 polymer 'Beta-lactamase TEM'
2 non-polymer (2S,5R)-1-formyl-5-[(sulfooxy)amino]piperidine-2-carboxamide
3 water water
#
_entity_poly.entity_id   1
_entity_poly.type   'polypeptide(L)'
_entity_poly.pdbx_seq_one_letter_code
;GHPETLVKVKDAEDQLGARVGYIELDLNSGKILESFRPEERFPMMSTFKVLLCGAVLSRVDAGQEQLGRRIHYSQNDLVE
YSPVTEKHLTDGMTVRELCSAAITMSDNTAANLLLTTIGGPKELTAFLHNMGDHVTRLDRWEPELNEAIPNDERDTTTPA
AMATTLRKLLTGELLTLASRQQLIDWMEADKVAGPLLRSALPAGWFIADKSGYGERGSRGIIAALGPDGKPSRIVVIYTT
GSQATMDERNRQIAEIGASLIKHW
;
_entity_poly.pdbx_strand_id   A,B,C,D
#
loop_
_chem_comp.id
_chem_comp.type
_chem_comp.name
_chem_comp.formula
NXL non-polymer (2S,5R)-1-formyl-5-[(sulfooxy)amino]piperidine-2-carboxamide 'C7 H13 N3 O6 S'
#
# COMPACT_ATOMS: atom_id res chain seq x y z
N HIS A 2 15.81 8.12 -29.10
CA HIS A 2 16.15 8.96 -30.22
C HIS A 2 14.91 9.69 -30.73
N PRO A 3 15.15 10.80 -31.47
CA PRO A 3 13.97 11.42 -32.09
C PRO A 3 13.24 10.54 -33.11
N GLU A 4 13.99 9.67 -33.80
CA GLU A 4 13.39 8.74 -34.74
C GLU A 4 12.36 7.80 -34.08
N THR A 5 12.71 7.33 -32.88
CA THR A 5 11.76 6.49 -32.16
C THR A 5 10.54 7.33 -31.71
N LEU A 6 10.82 8.54 -31.24
CA LEU A 6 9.78 9.46 -30.90
C LEU A 6 8.90 9.75 -32.11
N VAL A 7 9.51 9.91 -33.29
CA VAL A 7 8.72 10.13 -34.51
C VAL A 7 7.84 8.91 -34.79
N LYS A 8 8.40 7.72 -34.59
CA LYS A 8 7.63 6.51 -34.82
C LYS A 8 6.46 6.42 -33.86
N VAL A 9 6.63 6.90 -32.63
CA VAL A 9 5.54 6.94 -31.67
C VAL A 9 4.51 7.98 -32.07
N LYS A 10 4.96 9.07 -32.61
CA LYS A 10 4.04 10.06 -33.09
C LYS A 10 3.22 9.54 -34.33
N ASP A 11 3.91 8.83 -35.17
CA ASP A 11 3.28 8.26 -36.35
C ASP A 11 2.24 7.28 -35.95
N ALA A 12 2.58 6.43 -34.97
CA ALA A 12 1.60 5.52 -34.51
C ALA A 12 0.36 6.19 -33.97
N GLU A 13 0.58 7.31 -33.23
CA GLU A 13 -0.61 8.00 -32.72
C GLU A 13 -1.51 8.44 -33.85
N ASP A 14 -0.90 8.97 -34.91
CA ASP A 14 -1.65 9.47 -36.05
C ASP A 14 -2.34 8.34 -36.80
N GLN A 15 -1.61 7.26 -37.02
CA GLN A 15 -2.13 6.17 -37.82
C GLN A 15 -3.18 5.37 -37.05
N LEU A 16 -3.07 5.35 -35.72
CA LEU A 16 -4.07 4.69 -34.90
C LEU A 16 -5.21 5.62 -34.48
N GLY A 17 -5.02 6.93 -34.55
CA GLY A 17 -5.99 7.86 -34.01
C GLY A 17 -6.22 7.71 -32.52
N ALA A 18 -5.15 7.66 -31.74
CA ALA A 18 -5.27 7.37 -30.31
C ALA A 18 -3.99 7.78 -29.59
N ARG A 19 -4.14 7.98 -28.28
CA ARG A 19 -3.00 8.29 -27.42
C ARG A 19 -2.05 7.10 -27.33
N VAL A 20 -0.75 7.36 -27.43
CA VAL A 20 0.29 6.38 -27.19
C VAL A 20 1.17 6.89 -26.06
N GLY A 21 1.39 6.07 -25.05
CA GLY A 21 2.28 6.39 -23.95
C GLY A 21 3.53 5.55 -24.05
N TYR A 22 4.68 6.20 -23.87
CA TYR A 22 5.95 5.54 -24.11
C TYR A 22 6.99 6.02 -23.10
N ILE A 23 7.79 5.07 -22.62
CA ILE A 23 8.93 5.35 -21.75
C ILE A 23 10.03 4.36 -22.08
N GLU A 24 11.25 4.87 -22.27
CA GLU A 24 12.44 4.03 -22.37
C GLU A 24 13.36 4.43 -21.23
N LEU A 25 13.66 3.46 -20.36
CA LEU A 25 14.31 3.69 -19.09
C LEU A 25 15.57 2.83 -19.01
N ASP A 26 16.70 3.39 -18.49
CA ASP A 26 17.98 2.66 -18.28
C ASP A 26 17.91 1.85 -16.99
N LEU A 27 18.24 0.57 -17.09
CA LEU A 27 18.01 -0.31 -15.92
C LEU A 27 18.90 -0.11 -14.73
N ASN A 28 20.15 0.25 -14.95
CA ASN A 28 21.11 0.41 -13.87
C ASN A 28 20.91 1.70 -13.15
N SER A 29 20.85 2.77 -13.91
CA SER A 29 20.78 4.09 -13.34
C SER A 29 19.39 4.57 -13.11
N GLY A 30 18.40 4.04 -13.81
CA GLY A 30 17.03 4.58 -13.62
C GLY A 30 16.67 5.80 -14.46
N LYS A 31 17.63 6.24 -15.24
CA LYS A 31 17.43 7.34 -16.11
C LYS A 31 16.54 7.06 -17.31
N ILE A 32 15.61 7.98 -17.53
CA ILE A 32 14.74 7.91 -18.66
C ILE A 32 15.47 8.36 -19.89
N LEU A 33 15.48 7.51 -20.94
CA LEU A 33 16.20 7.81 -22.16
C LEU A 33 15.33 8.49 -23.19
N GLU A 34 14.05 8.13 -23.22
CA GLU A 34 13.03 8.81 -24.01
C GLU A 34 11.67 8.60 -23.34
N SER A 35 10.77 9.57 -23.48
CA SER A 35 9.42 9.44 -22.95
C SER A 35 8.42 9.99 -23.98
N PHE A 36 7.15 9.67 -23.74
CA PHE A 36 6.07 10.23 -24.55
C PHE A 36 4.77 10.05 -23.78
N ARG A 37 4.08 11.15 -23.48
CA ARG A 37 2.93 11.17 -22.59
C ARG A 37 3.22 10.40 -21.30
N PRO A 38 4.34 10.68 -20.64
CA PRO A 38 4.75 9.83 -19.49
C PRO A 38 3.92 9.96 -18.22
N GLU A 39 3.22 11.06 -18.05
CA GLU A 39 2.37 11.24 -16.92
C GLU A 39 0.90 11.05 -17.18
N GLU A 40 0.59 10.51 -18.36
CA GLU A 40 -0.79 10.22 -18.66
C GLU A 40 -1.19 8.78 -18.31
N ARG A 41 -2.43 8.64 -17.95
CA ARG A 41 -2.89 7.34 -17.49
C ARG A 41 -3.38 6.48 -18.64
N PHE A 42 -3.09 5.19 -18.55
CA PHE A 42 -3.48 4.18 -19.52
C PHE A 42 -3.91 2.94 -18.76
N PRO A 43 -4.87 2.19 -19.28
CA PRO A 43 -5.22 0.91 -18.64
C PRO A 43 -4.07 -0.06 -18.67
N MET A 44 -3.82 -0.78 -17.57
CA MET A 44 -2.72 -1.73 -17.51
C MET A 44 -3.04 -3.01 -18.26
N MET A 45 -4.28 -3.35 -18.13
CA MET A 45 -4.71 -4.60 -18.71
C MET A 45 -3.87 -5.78 -18.09
N SER A 46 -3.49 -6.76 -18.92
CA SER A 46 -2.77 -7.93 -18.42
C SER A 46 -1.39 -7.60 -17.89
N THR A 47 -0.85 -6.42 -18.22
CA THR A 47 0.49 -6.07 -17.75
C THR A 47 0.55 -5.98 -16.23
N PHE A 48 -0.60 -5.83 -15.56
CA PHE A 48 -0.64 -5.79 -14.10
C PHE A 48 -0.19 -7.10 -13.48
N LYS A 49 -0.26 -8.20 -14.24
CA LYS A 49 0.06 -9.51 -13.70
C LYS A 49 1.51 -9.60 -13.25
N VAL A 50 2.39 -8.77 -13.82
CA VAL A 50 3.77 -8.73 -13.35
C VAL A 50 3.83 -8.11 -11.96
N LEU A 51 3.07 -7.03 -11.74
CA LEU A 51 3.05 -6.42 -10.42
C LEU A 51 2.38 -7.31 -9.39
N LEU A 52 1.36 -8.06 -9.81
CA LEU A 52 0.66 -8.97 -8.91
C LEU A 52 1.59 -10.06 -8.40
N CYS A 53 2.37 -10.67 -9.31
CA CYS A 53 3.30 -11.71 -8.88
C CYS A 53 4.49 -11.14 -8.13
N GLY A 54 4.78 -9.85 -8.29
CA GLY A 54 5.75 -9.21 -7.41
C GLY A 54 5.24 -9.12 -5.99
N ALA A 55 3.97 -8.73 -5.82
CA ALA A 55 3.34 -8.75 -4.50
C ALA A 55 3.37 -10.16 -3.90
N VAL A 56 3.07 -11.17 -4.72
CA VAL A 56 3.11 -12.55 -4.24
C VAL A 56 4.52 -12.93 -3.79
N LEU A 57 5.53 -12.55 -4.58
CA LEU A 57 6.91 -12.86 -4.22
C LEU A 57 7.32 -12.13 -2.95
N SER A 58 6.83 -10.90 -2.75
CA SER A 58 7.11 -10.19 -1.51
C SER A 58 6.55 -10.93 -0.31
N ARG A 59 5.35 -11.51 -0.46
CA ARG A 59 4.77 -12.32 0.60
C ARG A 59 5.53 -13.62 0.77
N VAL A 60 6.08 -14.17 -0.31
CA VAL A 60 6.90 -15.38 -0.22
C VAL A 60 8.19 -15.08 0.54
N ASP A 61 8.83 -13.95 0.22
CA ASP A 61 10.04 -13.56 0.93
C ASP A 61 9.79 -13.43 2.43
N ALA A 62 8.65 -12.87 2.82
CA ALA A 62 8.32 -12.67 4.22
C ALA A 62 7.84 -13.93 4.92
N GLY A 63 7.63 -15.02 4.20
CA GLY A 63 7.09 -16.21 4.80
C GLY A 63 5.59 -16.19 4.98
N GLN A 64 4.91 -15.17 4.46
CA GLN A 64 3.46 -15.13 4.45
C GLN A 64 2.88 -15.98 3.31
N GLU A 65 3.73 -16.40 2.38
CA GLU A 65 3.35 -17.22 1.24
C GLU A 65 4.47 -18.20 0.97
N GLN A 66 4.10 -19.38 0.42
CA GLN A 66 5.09 -20.31 -0.03
C GLN A 66 4.77 -20.71 -1.50
N LEU A 67 5.80 -20.70 -2.33
CA LEU A 67 5.60 -21.00 -3.77
C LEU A 67 5.05 -22.42 -4.00
N GLY A 68 5.37 -23.31 -3.10
CA GLY A 68 4.81 -24.66 -3.18
C GLY A 68 3.45 -24.87 -2.67
N ARG A 69 2.88 -23.84 -2.11
CA ARG A 69 1.55 -24.02 -1.55
C ARG A 69 0.55 -24.28 -2.67
N ARG A 70 -0.27 -25.32 -2.48
CA ARG A 70 -1.19 -25.76 -3.52
C ARG A 70 -2.56 -25.13 -3.30
N ILE A 71 -3.10 -24.54 -4.37
CA ILE A 71 -4.40 -23.89 -4.34
C ILE A 71 -5.38 -24.73 -5.16
N HIS A 72 -6.46 -25.16 -4.52
CA HIS A 72 -7.53 -25.85 -5.20
C HIS A 72 -8.68 -24.87 -5.41
N TYR A 73 -9.29 -24.91 -6.60
CA TYR A 73 -10.34 -23.97 -6.97
C TYR A 73 -11.45 -24.78 -7.65
N SER A 74 -12.44 -24.08 -8.19
CA SER A 74 -13.57 -24.77 -8.79
C SER A 74 -13.91 -24.20 -10.17
N GLN A 75 -14.93 -24.81 -10.79
CA GLN A 75 -15.38 -24.41 -12.12
C GLN A 75 -16.03 -23.04 -12.11
N ASN A 76 -16.83 -22.75 -11.09
CA ASN A 76 -17.40 -21.41 -11.00
C ASN A 76 -16.33 -20.35 -10.77
N ASP A 77 -15.06 -20.63 -10.54
CA ASP A 77 -14.05 -19.59 -10.44
C ASP A 77 -13.47 -19.25 -11.80
N LEU A 78 -13.75 -20.10 -12.79
CA LEU A 78 -13.16 -19.91 -14.11
C LEU A 78 -13.78 -18.73 -14.87
N VAL A 79 -12.94 -17.80 -15.22
CA VAL A 79 -13.38 -16.70 -15.99
C VAL A 79 -12.84 -16.83 -17.39
N GLU A 80 -13.21 -15.90 -18.21
CA GLU A 80 -12.78 -15.94 -19.57
C GLU A 80 -11.26 -15.91 -19.75
N TYR A 81 -10.78 -16.67 -20.68
CA TYR A 81 -9.38 -16.83 -20.96
C TYR A 81 -8.64 -17.48 -19.76
N SER A 82 -8.80 -18.80 -19.61
CA SER A 82 -8.15 -19.53 -18.54
C SER A 82 -7.52 -20.77 -19.15
N PRO A 83 -6.52 -20.59 -20.03
CA PRO A 83 -6.01 -21.76 -20.79
C PRO A 83 -5.31 -22.79 -19.91
N VAL A 84 -4.72 -22.40 -18.79
CA VAL A 84 -4.02 -23.33 -17.93
C VAL A 84 -4.87 -23.75 -16.74
N THR A 85 -5.51 -22.80 -16.07
CA THR A 85 -6.30 -23.11 -14.89
C THR A 85 -7.51 -23.99 -15.19
N GLU A 86 -8.04 -23.94 -16.41
CA GLU A 86 -9.12 -24.85 -16.75
C GLU A 86 -8.65 -26.33 -16.78
N LYS A 87 -7.37 -26.54 -16.86
N LYS A 87 -7.35 -26.55 -16.86
CA LYS A 87 -6.83 -27.89 -16.94
CA LYS A 87 -6.83 -27.91 -16.94
C LYS A 87 -6.49 -28.48 -15.53
C LYS A 87 -6.47 -28.49 -15.56
N HIS A 88 -6.70 -27.73 -14.53
CA HIS A 88 -6.25 -28.22 -13.19
C HIS A 88 -7.29 -28.09 -12.11
N LEU A 89 -8.49 -28.33 -12.47
CA LEU A 89 -9.56 -28.23 -11.47
C LEU A 89 -9.47 -29.32 -10.41
N THR A 90 -8.94 -30.49 -10.77
CA THR A 90 -8.91 -31.62 -9.85
C THR A 90 -7.66 -31.65 -8.98
N ASP A 91 -6.52 -31.32 -9.54
CA ASP A 91 -5.27 -31.38 -8.79
C ASP A 91 -4.93 -30.05 -8.15
N GLY A 92 -5.54 -28.97 -8.58
CA GLY A 92 -5.14 -27.67 -8.10
C GLY A 92 -3.84 -27.23 -8.66
N MET A 93 -3.44 -26.03 -8.31
CA MET A 93 -2.19 -25.54 -8.75
C MET A 93 -1.40 -24.85 -7.60
N THR A 94 -0.11 -24.90 -7.68
CA THR A 94 0.74 -24.21 -6.73
C THR A 94 0.80 -22.71 -7.04
N VAL A 95 1.16 -21.95 -6.03
CA VAL A 95 1.34 -20.51 -6.23
C VAL A 95 2.36 -20.25 -7.33
N ARG A 96 3.43 -21.02 -7.37
CA ARG A 96 4.41 -20.86 -8.41
C ARG A 96 3.77 -21.09 -9.79
N GLU A 97 2.98 -22.14 -9.84
CA GLU A 97 2.32 -22.47 -11.13
C GLU A 97 1.31 -21.42 -11.55
N LEU A 98 0.68 -20.80 -10.59
CA LEU A 98 -0.30 -19.79 -10.90
C LEU A 98 0.37 -18.51 -11.40
N CYS A 99 1.51 -18.16 -10.87
CA CYS A 99 2.25 -17.00 -11.35
C CYS A 99 2.86 -17.27 -12.72
N SER A 100 3.32 -18.49 -12.96
CA SER A 100 3.80 -18.85 -14.29
C SER A 100 2.68 -18.75 -15.32
N ALA A 101 1.48 -19.21 -14.96
CA ALA A 101 0.34 -19.14 -15.87
C ALA A 101 -0.10 -17.70 -16.09
N ALA A 102 -0.08 -16.87 -15.03
CA ALA A 102 -0.56 -15.50 -15.17
C ALA A 102 0.38 -14.67 -16.03
N ILE A 103 1.63 -14.94 -15.95
CA ILE A 103 2.58 -14.15 -16.69
C ILE A 103 2.91 -14.71 -18.07
N THR A 104 3.16 -16.01 -18.13
CA THR A 104 3.56 -16.64 -19.42
C THR A 104 2.39 -16.87 -20.42
N MET A 105 1.22 -17.17 -19.88
CA MET A 105 0.05 -17.36 -20.71
C MET A 105 -1.05 -16.36 -20.49
N SER A 106 -0.85 -15.42 -19.54
CA SER A 106 -1.82 -14.38 -19.23
C SER A 106 -3.16 -14.98 -18.78
N ASP A 107 -3.08 -16.12 -18.08
CA ASP A 107 -4.27 -16.76 -17.55
C ASP A 107 -5.03 -15.81 -16.62
N ASN A 108 -6.32 -15.64 -16.89
CA ASN A 108 -7.11 -14.69 -16.11
C ASN A 108 -7.57 -15.26 -14.77
N THR A 109 -7.96 -16.54 -14.75
CA THR A 109 -8.34 -17.15 -13.47
C THR A 109 -7.14 -17.27 -12.54
N ALA A 110 -5.97 -17.61 -13.09
CA ALA A 110 -4.75 -17.61 -12.28
C ALA A 110 -4.51 -16.25 -11.64
N ALA A 111 -4.76 -15.16 -12.38
CA ALA A 111 -4.57 -13.84 -11.82
C ALA A 111 -5.55 -13.56 -10.68
N ASN A 112 -6.82 -13.96 -10.86
CA ASN A 112 -7.80 -13.76 -9.79
C ASN A 112 -7.47 -14.60 -8.57
N LEU A 113 -6.99 -15.83 -8.77
CA LEU A 113 -6.63 -16.67 -7.63
C LEU A 113 -5.46 -16.06 -6.87
N LEU A 114 -4.50 -15.48 -7.58
CA LEU A 114 -3.36 -14.84 -6.91
C LEU A 114 -3.78 -13.56 -6.20
N LEU A 115 -4.71 -12.82 -6.80
CA LEU A 115 -5.21 -11.61 -6.14
C LEU A 115 -5.89 -11.96 -4.82
N THR A 116 -6.58 -13.10 -4.77
CA THR A 116 -7.19 -13.52 -3.52
C THR A 116 -6.15 -13.86 -2.45
N THR A 117 -5.01 -14.44 -2.88
CA THR A 117 -3.99 -14.79 -1.89
C THR A 117 -3.43 -13.57 -1.18
N ILE A 118 -3.42 -12.41 -1.83
CA ILE A 118 -2.88 -11.20 -1.23
C ILE A 118 -3.96 -10.29 -0.67
N GLY A 119 -5.23 -10.57 -0.92
CA GLY A 119 -6.31 -9.75 -0.41
C GLY A 119 -6.98 -8.83 -1.41
N GLY A 120 -6.80 -9.04 -2.70
CA GLY A 120 -7.53 -8.29 -3.70
C GLY A 120 -6.83 -7.08 -4.27
N PRO A 121 -7.52 -6.37 -5.18
CA PRO A 121 -6.87 -5.23 -5.86
C PRO A 121 -6.45 -4.10 -4.93
N LYS A 122 -7.10 -4.00 -3.81
CA LYS A 122 -6.69 -2.98 -2.81
C LYS A 122 -5.37 -3.20 -2.14
N GLU A 123 -5.10 -4.44 -1.81
CA GLU A 123 -3.82 -4.81 -1.25
C GLU A 123 -2.70 -4.80 -2.25
N LEU A 124 -3.03 -5.06 -3.55
CA LEU A 124 -2.04 -4.87 -4.59
C LEU A 124 -1.69 -3.34 -4.66
N THR A 125 -2.73 -2.48 -4.65
CA THR A 125 -2.45 -1.05 -4.65
C THR A 125 -1.67 -0.65 -3.41
N ALA A 126 -2.02 -1.21 -2.26
CA ALA A 126 -1.27 -0.92 -1.04
C ALA A 126 0.17 -1.41 -1.13
N PHE A 127 0.38 -2.58 -1.75
CA PHE A 127 1.74 -3.04 -1.99
C PHE A 127 2.51 -2.06 -2.86
N LEU A 128 1.89 -1.61 -3.95
CA LEU A 128 2.55 -0.67 -4.85
C LEU A 128 2.78 0.67 -4.16
N HIS A 129 1.79 1.14 -3.41
CA HIS A 129 1.95 2.33 -2.58
C HIS A 129 3.19 2.22 -1.70
N ASN A 130 3.27 1.13 -0.92
CA ASN A 130 4.32 1.01 0.08
C ASN A 130 5.71 0.85 -0.53
N MET A 131 5.81 0.48 -1.80
CA MET A 131 7.10 0.42 -2.46
C MET A 131 7.42 1.69 -3.24
N GLY A 132 6.62 2.75 -3.09
CA GLY A 132 6.93 4.04 -3.65
C GLY A 132 6.17 4.43 -4.89
N ASP A 133 5.18 3.66 -5.29
CA ASP A 133 4.35 3.97 -6.45
C ASP A 133 2.97 4.41 -5.94
N HIS A 134 2.77 5.72 -5.85
CA HIS A 134 1.47 6.26 -5.46
C HIS A 134 0.61 6.62 -6.66
N VAL A 135 0.99 6.16 -7.86
CA VAL A 135 0.29 6.48 -9.10
C VAL A 135 -0.50 5.28 -9.60
N THR A 136 0.16 4.14 -9.77
CA THR A 136 -0.49 2.94 -10.27
C THR A 136 -1.54 2.45 -9.29
N ARG A 137 -2.68 2.01 -9.81
CA ARG A 137 -3.75 1.52 -8.97
C ARG A 137 -4.47 0.38 -9.67
N LEU A 138 -4.76 -0.68 -8.91
CA LEU A 138 -5.69 -1.70 -9.35
C LEU A 138 -6.95 -1.62 -8.48
N ASP A 139 -8.10 -1.73 -9.15
CA ASP A 139 -9.38 -1.54 -8.49
C ASP A 139 -10.37 -2.67 -8.74
N ARG A 140 -10.19 -3.47 -9.78
CA ARG A 140 -11.16 -4.47 -10.17
C ARG A 140 -10.46 -5.79 -10.45
N TRP A 141 -11.26 -6.83 -10.64
CA TRP A 141 -10.78 -8.17 -10.92
C TRP A 141 -10.85 -8.44 -12.42
N GLU A 142 -10.35 -9.62 -12.83
CA GLU A 142 -10.53 -10.05 -14.22
C GLU A 142 -11.95 -10.57 -14.43
N PRO A 143 -12.60 -10.22 -15.55
CA PRO A 143 -12.07 -9.45 -16.68
C PRO A 143 -12.43 -7.97 -16.62
N GLU A 144 -13.13 -7.57 -15.56
CA GLU A 144 -13.69 -6.22 -15.48
C GLU A 144 -12.63 -5.14 -15.48
N LEU A 145 -11.38 -5.47 -15.17
CA LEU A 145 -10.34 -4.45 -15.11
C LEU A 145 -9.90 -3.96 -16.48
N ASN A 146 -10.35 -4.61 -17.56
CA ASN A 146 -9.95 -4.26 -18.92
C ASN A 146 -10.97 -3.37 -19.63
N GLU A 147 -11.90 -2.77 -18.89
CA GLU A 147 -12.97 -2.01 -19.52
C GLU A 147 -12.44 -0.81 -20.28
N ALA A 148 -11.41 -0.16 -19.75
CA ALA A 148 -10.73 0.95 -20.42
C ALA A 148 -11.68 2.09 -20.78
N ILE A 149 -12.69 2.30 -19.94
CA ILE A 149 -13.62 3.42 -20.09
C ILE A 149 -12.80 4.69 -20.20
N PRO A 150 -13.10 5.58 -21.15
CA PRO A 150 -12.27 6.79 -21.30
C PRO A 150 -12.26 7.62 -20.03
N ASN A 151 -11.05 8.08 -19.66
CA ASN A 151 -10.77 8.94 -18.52
C ASN A 151 -11.06 8.28 -17.19
N ASP A 152 -11.38 6.98 -17.19
CA ASP A 152 -11.50 6.23 -15.96
C ASP A 152 -10.11 5.95 -15.41
N GLU A 153 -9.89 6.30 -14.14
CA GLU A 153 -8.58 6.13 -13.53
C GLU A 153 -8.41 4.76 -12.86
N ARG A 154 -9.48 3.99 -12.73
CA ARG A 154 -9.38 2.65 -12.18
C ARG A 154 -8.50 1.78 -13.05
N ASP A 155 -7.69 0.94 -12.40
CA ASP A 155 -6.90 -0.09 -13.06
C ASP A 155 -5.90 0.51 -14.07
N THR A 156 -5.36 1.68 -13.75
CA THR A 156 -4.45 2.36 -14.66
C THR A 156 -3.08 2.54 -14.03
N THR A 157 -2.13 2.88 -14.91
CA THR A 157 -0.80 3.33 -14.55
C THR A 157 -0.44 4.47 -15.49
N THR A 158 0.73 5.06 -15.27
CA THR A 158 1.33 5.92 -16.27
C THR A 158 2.56 5.22 -16.83
N PRO A 159 2.97 5.57 -18.04
CA PRO A 159 4.23 5.00 -18.56
C PRO A 159 5.39 5.20 -17.61
N ALA A 160 5.48 6.36 -16.97
CA ALA A 160 6.59 6.64 -16.07
C ALA A 160 6.49 5.85 -14.77
N ALA A 161 5.29 5.75 -14.18
CA ALA A 161 5.13 4.99 -12.96
C ALA A 161 5.38 3.51 -13.18
N MET A 162 4.79 2.96 -14.26
CA MET A 162 4.96 1.54 -14.57
C MET A 162 6.42 1.20 -14.83
N ALA A 163 7.14 2.05 -15.56
CA ALA A 163 8.52 1.75 -15.89
C ALA A 163 9.41 1.76 -14.64
N THR A 164 9.20 2.73 -13.74
CA THR A 164 10.01 2.77 -12.53
C THR A 164 9.60 1.66 -11.57
N THR A 165 8.35 1.30 -11.47
CA THR A 165 7.93 0.23 -10.62
C THR A 165 8.51 -1.13 -11.06
N LEU A 166 8.54 -1.35 -12.37
CA LEU A 166 9.13 -2.58 -12.88
C LEU A 166 10.61 -2.68 -12.56
N ARG A 167 11.27 -1.56 -12.70
CA ARG A 167 12.65 -1.57 -12.36
C ARG A 167 12.89 -2.00 -10.88
N LYS A 168 12.15 -1.36 -10.02
N LYS A 168 12.16 -1.36 -10.02
CA LYS A 168 12.30 -1.69 -8.60
CA LYS A 168 12.31 -1.69 -8.61
C LYS A 168 12.03 -3.18 -8.36
C LYS A 168 12.03 -3.18 -8.36
N LEU A 169 11.01 -3.70 -9.04
CA LEU A 169 10.69 -5.07 -8.82
C LEU A 169 11.78 -5.97 -9.37
N LEU A 170 12.32 -5.61 -10.52
CA LEU A 170 13.28 -6.49 -11.16
C LEU A 170 14.69 -6.35 -10.61
N THR A 171 15.06 -5.14 -10.20
CA THR A 171 16.44 -4.87 -9.79
C THR A 171 16.56 -4.11 -8.47
N GLY A 172 15.46 -3.78 -7.81
CA GLY A 172 15.51 -2.97 -6.61
C GLY A 172 15.65 -3.78 -5.33
N GLU A 173 15.74 -3.06 -4.21
CA GLU A 173 16.02 -3.69 -2.92
C GLU A 173 14.81 -4.45 -2.36
N LEU A 174 13.62 -4.22 -2.91
CA LEU A 174 12.39 -4.76 -2.33
C LEU A 174 12.45 -6.29 -2.23
N LEU A 175 12.62 -6.97 -3.35
CA LEU A 175 12.59 -8.42 -3.36
C LEU A 175 13.99 -9.01 -3.16
N THR A 176 13.97 -10.25 -2.67
CA THR A 176 15.19 -11.02 -2.53
C THR A 176 15.76 -11.42 -3.88
N LEU A 177 17.04 -11.70 -3.91
CA LEU A 177 17.65 -12.01 -5.17
C LEU A 177 16.93 -13.18 -5.88
N ALA A 178 16.49 -14.14 -5.10
CA ALA A 178 15.82 -15.32 -5.67
C ALA A 178 14.46 -14.97 -6.25
N SER A 179 13.80 -14.01 -5.62
CA SER A 179 12.50 -13.56 -6.09
C SER A 179 12.63 -12.64 -7.30
N ARG A 180 13.59 -11.73 -7.28
CA ARG A 180 13.91 -10.96 -8.48
C ARG A 180 14.18 -11.86 -9.66
N GLN A 181 14.92 -12.95 -9.44
CA GLN A 181 15.26 -13.87 -10.52
C GLN A 181 14.05 -14.66 -10.98
N GLN A 182 13.17 -15.05 -10.07
CA GLN A 182 11.98 -15.79 -10.48
C GLN A 182 11.04 -14.91 -11.31
N LEU A 183 10.94 -13.62 -10.95
CA LEU A 183 10.03 -12.74 -11.68
C LEU A 183 10.50 -12.51 -13.11
N ILE A 184 11.80 -12.27 -13.30
CA ILE A 184 12.32 -12.09 -14.65
C ILE A 184 12.31 -13.40 -15.42
N ASP A 185 12.34 -14.55 -14.73
CA ASP A 185 12.22 -15.82 -15.43
C ASP A 185 10.82 -15.99 -16.00
N TRP A 186 9.82 -15.68 -15.26
CA TRP A 186 8.53 -15.82 -15.76
C TRP A 186 8.31 -14.90 -16.96
N MET A 187 8.84 -13.71 -16.84
CA MET A 187 8.61 -12.75 -17.89
C MET A 187 9.37 -13.18 -19.13
N GLU A 188 10.56 -13.75 -18.94
CA GLU A 188 11.38 -14.16 -20.09
C GLU A 188 10.68 -15.32 -20.81
N ALA A 189 9.87 -16.05 -20.09
CA ALA A 189 9.12 -17.17 -20.64
C ALA A 189 7.77 -16.76 -21.22
N ASP A 190 7.59 -15.47 -21.52
CA ASP A 190 6.35 -14.99 -22.12
C ASP A 190 6.12 -15.64 -23.48
N LYS A 191 4.94 -16.24 -23.66
CA LYS A 191 4.60 -16.88 -24.92
C LYS A 191 3.41 -16.24 -25.62
N VAL A 192 2.96 -15.08 -25.17
CA VAL A 192 1.78 -14.44 -25.77
C VAL A 192 2.09 -13.01 -26.21
N ALA A 193 3.38 -12.68 -26.35
CA ALA A 193 3.81 -11.37 -26.83
C ALA A 193 4.67 -11.49 -28.08
N GLY A 194 4.42 -12.54 -28.86
CA GLY A 194 5.12 -12.80 -30.10
C GLY A 194 5.17 -11.65 -31.10
N PRO A 195 4.03 -11.04 -31.41
CA PRO A 195 4.01 -10.02 -32.47
C PRO A 195 4.46 -8.63 -32.06
N LEU A 196 4.93 -8.44 -30.82
CA LEU A 196 5.26 -7.09 -30.36
C LEU A 196 6.76 -6.82 -30.40
N LEU A 197 7.34 -6.48 -29.24
CA LEU A 197 8.77 -6.15 -29.21
C LEU A 197 9.64 -7.32 -29.65
N ARG A 198 9.21 -8.55 -29.33
CA ARG A 198 9.98 -9.72 -29.71
C ARG A 198 10.17 -9.80 -31.21
N SER A 199 9.16 -9.39 -31.98
CA SER A 199 9.22 -9.45 -33.44
C SER A 199 10.31 -8.55 -34.00
N ALA A 200 10.78 -7.57 -33.23
CA ALA A 200 11.85 -6.68 -33.64
C ALA A 200 13.19 -7.05 -33.06
N LEU A 201 13.24 -8.09 -32.24
CA LEU A 201 14.44 -8.43 -31.47
C LEU A 201 15.47 -9.12 -32.35
N PRO A 202 16.71 -8.64 -32.38
CA PRO A 202 17.77 -9.36 -33.10
C PRO A 202 18.17 -10.62 -32.36
N ALA A 203 18.80 -11.54 -33.10
CA ALA A 203 19.29 -12.78 -32.51
C ALA A 203 20.26 -12.49 -31.38
N GLY A 204 20.18 -13.29 -30.31
CA GLY A 204 21.05 -13.15 -29.17
C GLY A 204 20.63 -12.12 -28.14
N TRP A 205 19.54 -11.40 -28.38
CA TRP A 205 19.07 -10.41 -27.42
C TRP A 205 18.20 -11.06 -26.35
N PHE A 206 18.29 -10.50 -25.14
CA PHE A 206 17.41 -10.91 -24.04
C PHE A 206 16.16 -10.03 -24.07
N ILE A 207 15.01 -10.66 -23.82
CA ILE A 207 13.79 -9.92 -23.55
C ILE A 207 12.98 -10.67 -22.51
N ALA A 208 12.45 -9.94 -21.55
CA ALA A 208 11.48 -10.44 -20.59
C ALA A 208 10.34 -9.44 -20.57
N ASP A 209 9.14 -9.87 -20.94
CA ASP A 209 8.08 -8.91 -21.17
C ASP A 209 6.74 -9.45 -20.68
N LYS A 210 5.75 -8.57 -20.72
CA LYS A 210 4.36 -8.89 -20.42
C LYS A 210 3.50 -7.93 -21.22
N SER A 211 2.60 -8.47 -22.04
CA SER A 211 1.72 -7.66 -22.88
C SER A 211 0.32 -7.65 -22.30
N GLY A 212 -0.54 -6.86 -22.92
CA GLY A 212 -1.93 -6.83 -22.53
C GLY A 212 -2.77 -6.22 -23.62
N TYR A 213 -4.07 -6.52 -23.57
CA TYR A 213 -5.02 -5.81 -24.41
C TYR A 213 -6.36 -5.74 -23.71
N GLY A 214 -7.16 -4.71 -24.05
CA GLY A 214 -8.47 -4.59 -23.51
C GLY A 214 -9.44 -3.86 -24.44
N GLU A 215 -10.51 -3.41 -23.85
CA GLU A 215 -11.50 -2.73 -24.62
C GLU A 215 -11.06 -1.38 -25.19
N ARG A 216 -11.82 -0.90 -26.16
CA ARG A 216 -11.57 0.40 -26.76
C ARG A 216 -10.21 0.51 -27.31
N GLY A 217 -9.82 -0.57 -27.95
CA GLY A 217 -8.56 -0.52 -28.65
C GLY A 217 -7.34 -0.46 -27.74
N SER A 218 -7.46 -0.95 -26.52
CA SER A 218 -6.34 -0.90 -25.58
C SER A 218 -5.32 -1.98 -25.92
N ARG A 219 -4.04 -1.61 -25.84
CA ARG A 219 -2.93 -2.49 -26.18
C ARG A 219 -1.68 -1.97 -25.48
N GLY A 220 -0.85 -2.90 -24.98
CA GLY A 220 0.34 -2.45 -24.28
C GLY A 220 1.33 -3.58 -24.02
N ILE A 221 2.51 -3.18 -23.57
CA ILE A 221 3.59 -4.11 -23.23
C ILE A 221 4.55 -3.43 -22.27
N ILE A 222 5.08 -4.20 -21.33
CA ILE A 222 6.21 -3.80 -20.49
C ILE A 222 7.32 -4.81 -20.69
N ALA A 223 8.57 -4.35 -20.70
CA ALA A 223 9.69 -5.22 -21.01
C ALA A 223 10.97 -4.72 -20.39
N ALA A 224 11.83 -5.66 -20.01
CA ALA A 224 13.26 -5.42 -19.81
C ALA A 224 14.00 -6.14 -20.93
N LEU A 225 14.91 -5.44 -21.60
CA LEU A 225 15.55 -6.01 -22.76
C LEU A 225 16.93 -5.40 -22.95
N GLY A 226 17.75 -6.07 -23.76
CA GLY A 226 19.09 -5.62 -24.01
C GLY A 226 19.90 -6.58 -24.85
N PRO A 227 21.05 -6.11 -25.35
CA PRO A 227 21.91 -6.97 -26.16
C PRO A 227 22.74 -7.92 -25.30
N ASP A 228 23.37 -8.87 -25.99
CA ASP A 228 24.32 -9.82 -25.38
C ASP A 228 23.69 -10.63 -24.23
N GLY A 229 22.42 -11.00 -24.38
CA GLY A 229 21.79 -11.92 -23.46
C GLY A 229 21.56 -11.40 -22.06
N LYS A 230 21.57 -10.08 -21.89
CA LYS A 230 21.44 -9.46 -20.58
C LYS A 230 20.50 -8.27 -20.70
N PRO A 231 19.57 -8.14 -19.77
CA PRO A 231 18.76 -6.93 -19.92
C PRO A 231 19.49 -5.69 -19.51
N SER A 232 19.26 -4.63 -20.27
CA SER A 232 19.86 -3.36 -19.94
C SER A 232 18.88 -2.17 -19.86
N ARG A 233 17.69 -2.28 -20.41
CA ARG A 233 16.73 -1.20 -20.40
C ARG A 233 15.30 -1.66 -20.22
N ILE A 234 14.39 -0.75 -19.87
CA ILE A 234 12.98 -1.03 -19.72
C ILE A 234 12.22 -0.17 -20.72
N VAL A 235 11.28 -0.78 -21.42
CA VAL A 235 10.41 -0.09 -22.37
C VAL A 235 8.98 -0.35 -21.94
N VAL A 236 8.17 0.71 -21.90
CA VAL A 236 6.75 0.59 -21.65
C VAL A 236 6.03 1.30 -22.78
N ILE A 237 5.03 0.65 -23.35
CA ILE A 237 4.23 1.21 -24.42
C ILE A 237 2.77 0.85 -24.16
N TYR A 238 1.92 1.87 -24.11
CA TYR A 238 0.49 1.70 -23.95
C TYR A 238 -0.21 2.50 -25.04
N THR A 239 -1.42 2.06 -25.39
CA THR A 239 -2.29 2.87 -26.23
C THR A 239 -3.72 2.53 -25.87
N THR A 240 -4.60 3.52 -26.00
CA THR A 240 -6.02 3.28 -25.80
C THR A 240 -6.82 4.30 -26.60
N GLY A 241 -8.00 3.90 -27.04
CA GLY A 241 -8.91 4.75 -27.79
C GLY A 241 -9.07 4.39 -29.26
N SER A 242 -8.14 3.63 -29.83
CA SER A 242 -8.16 3.37 -31.26
C SER A 242 -9.23 2.34 -31.65
N GLN A 243 -9.88 2.56 -32.80
CA GLN A 243 -10.73 1.56 -33.41
C GLN A 243 -9.95 0.60 -34.31
N ALA A 244 -8.62 0.68 -34.29
CA ALA A 244 -7.80 -0.13 -35.18
C ALA A 244 -7.90 -1.61 -34.82
N THR A 245 -7.58 -2.46 -35.78
CA THR A 245 -7.57 -3.88 -35.49
C THR A 245 -6.44 -4.21 -34.53
N MET A 246 -6.53 -5.41 -33.95
CA MET A 246 -5.49 -5.86 -33.03
C MET A 246 -4.15 -5.99 -33.74
N ASP A 247 -4.19 -6.47 -34.99
CA ASP A 247 -2.98 -6.65 -35.77
C ASP A 247 -2.33 -5.31 -36.10
N GLU A 248 -3.12 -4.26 -36.30
CA GLU A 248 -2.57 -2.92 -36.51
C GLU A 248 -1.78 -2.47 -35.31
N ARG A 249 -2.43 -2.51 -34.14
CA ARG A 249 -1.79 -2.12 -32.91
C ARG A 249 -0.53 -2.94 -32.65
N ASN A 250 -0.58 -4.24 -32.95
CA ASN A 250 0.61 -5.07 -32.86
C ASN A 250 1.72 -4.51 -33.73
N ARG A 251 1.40 -4.19 -34.98
CA ARG A 251 2.41 -3.71 -35.91
C ARG A 251 2.98 -2.36 -35.47
N GLN A 252 2.12 -1.48 -34.96
CA GLN A 252 2.59 -0.17 -34.52
C GLN A 252 3.58 -0.31 -33.36
N ILE A 253 3.26 -1.18 -32.39
CA ILE A 253 4.15 -1.41 -31.25
C ILE A 253 5.46 -2.06 -31.70
N ALA A 254 5.39 -2.99 -32.64
CA ALA A 254 6.58 -3.66 -33.14
C ALA A 254 7.50 -2.70 -33.89
N GLU A 255 6.91 -1.71 -34.56
CA GLU A 255 7.71 -0.73 -35.30
C GLU A 255 8.37 0.24 -34.35
N ILE A 256 7.69 0.60 -33.26
CA ILE A 256 8.35 1.36 -32.19
C ILE A 256 9.53 0.56 -31.65
N GLY A 257 9.32 -0.73 -31.41
CA GLY A 257 10.42 -1.58 -30.97
C GLY A 257 11.53 -1.66 -32.00
N ALA A 258 11.17 -1.89 -33.27
CA ALA A 258 12.17 -1.91 -34.33
C ALA A 258 12.94 -0.59 -34.32
N SER A 259 12.25 0.50 -34.03
CA SER A 259 12.86 1.81 -34.01
C SER A 259 13.85 1.94 -32.85
N LEU A 260 13.42 1.66 -31.62
CA LEU A 260 14.30 1.81 -30.47
C LEU A 260 15.44 0.80 -30.50
N ILE A 261 15.23 -0.36 -31.13
CA ILE A 261 16.32 -1.33 -31.32
C ILE A 261 17.36 -0.77 -32.28
N LYS A 262 16.91 -0.04 -33.30
CA LYS A 262 17.80 0.41 -34.37
C LYS A 262 18.66 1.61 -33.97
N HIS A 263 18.24 2.38 -32.95
CA HIS A 263 19.03 3.48 -32.41
C HIS A 263 19.47 3.23 -30.97
N TRP A 264 19.45 1.97 -30.55
CA TRP A 264 19.93 1.53 -29.25
C TRP A 264 21.32 2.08 -28.94
N HIS B 2 23.86 14.86 -8.04
CA HIS B 2 25.01 14.37 -7.30
C HIS B 2 24.62 13.50 -6.09
N PRO B 3 25.49 12.55 -5.75
CA PRO B 3 25.29 11.81 -4.50
C PRO B 3 25.19 12.73 -3.29
N GLU B 4 25.90 13.86 -3.29
CA GLU B 4 25.90 14.76 -2.14
C GLU B 4 24.53 15.39 -1.91
N THR B 5 23.83 15.75 -2.98
CA THR B 5 22.49 16.31 -2.79
C THR B 5 21.51 15.24 -2.39
N LEU B 6 21.62 14.05 -2.97
CA LEU B 6 20.76 12.95 -2.53
C LEU B 6 21.02 12.60 -1.07
N VAL B 7 22.28 12.63 -0.63
CA VAL B 7 22.58 12.35 0.77
C VAL B 7 21.96 13.41 1.67
N LYS B 8 21.98 14.68 1.26
CA LYS B 8 21.33 15.71 2.06
C LYS B 8 19.83 15.48 2.14
N VAL B 9 19.22 14.98 1.08
CA VAL B 9 17.80 14.67 1.10
C VAL B 9 17.53 13.47 2.01
N LYS B 10 18.44 12.53 2.02
CA LYS B 10 18.34 11.41 2.93
C LYS B 10 18.54 11.86 4.40
N ASP B 11 19.52 12.70 4.62
CA ASP B 11 19.81 13.32 5.94
C ASP B 11 18.53 13.95 6.44
N ALA B 12 17.92 14.77 5.57
CA ALA B 12 16.68 15.42 5.91
C ALA B 12 15.58 14.51 6.39
N GLU B 13 15.42 13.37 5.66
CA GLU B 13 14.37 12.45 6.05
C GLU B 13 14.63 11.93 7.50
N ASP B 14 15.88 11.72 7.76
CA ASP B 14 16.26 11.14 9.08
C ASP B 14 16.04 12.14 10.15
N GLN B 15 16.45 13.33 9.81
CA GLN B 15 16.33 14.39 10.80
C GLN B 15 14.89 14.86 11.02
N LEU B 16 14.09 14.98 9.95
CA LEU B 16 12.69 15.34 10.10
C LEU B 16 11.82 14.16 10.50
N GLY B 17 12.31 12.94 10.33
CA GLY B 17 11.51 11.76 10.55
C GLY B 17 10.29 11.71 9.66
N ALA B 18 10.49 11.93 8.35
CA ALA B 18 9.36 12.06 7.43
C ALA B 18 9.85 11.88 6.00
N ARG B 19 8.91 11.54 5.12
CA ARG B 19 9.21 11.40 3.70
C ARG B 19 9.60 12.74 3.09
N VAL B 20 10.65 12.73 2.27
CA VAL B 20 11.03 13.88 1.48
C VAL B 20 11.02 13.48 0.02
N GLY B 21 10.31 14.27 -0.80
CA GLY B 21 10.24 14.06 -2.24
C GLY B 21 11.03 15.15 -2.94
N TYR B 22 11.82 14.74 -3.92
CA TYR B 22 12.76 15.66 -4.54
C TYR B 22 12.89 15.34 -6.02
N ILE B 23 12.95 16.38 -6.85
CA ILE B 23 13.17 16.21 -8.28
C ILE B 23 13.97 17.42 -8.78
N GLU B 24 15.00 17.15 -9.57
CA GLU B 24 15.71 18.20 -10.31
C GLU B 24 15.63 17.88 -11.79
N LEU B 25 15.08 18.81 -12.55
CA LEU B 25 14.75 18.60 -13.94
C LEU B 25 15.46 19.67 -14.76
N ASP B 26 16.05 19.30 -15.92
CA ASP B 26 16.63 20.26 -16.88
C ASP B 26 15.49 20.93 -17.70
N LEU B 27 15.46 22.26 -17.67
CA LEU B 27 14.33 22.92 -18.23
C LEU B 27 14.25 22.81 -19.71
N ASN B 28 15.38 22.89 -20.36
CA ASN B 28 15.38 22.96 -21.81
C ASN B 28 15.06 21.57 -22.43
N SER B 29 15.71 20.55 -21.91
CA SER B 29 15.50 19.21 -22.43
C SER B 29 14.50 18.35 -21.71
N GLY B 30 14.09 18.71 -20.49
CA GLY B 30 13.16 17.94 -19.71
C GLY B 30 13.72 16.74 -18.97
N LYS B 31 15.02 16.59 -19.03
CA LYS B 31 15.66 15.44 -18.45
C LYS B 31 15.80 15.57 -16.97
N ILE B 32 15.49 14.48 -16.29
CA ILE B 32 15.54 14.46 -14.88
C ILE B 32 16.98 14.22 -14.49
N LEU B 33 17.52 15.09 -13.67
CA LEU B 33 18.90 15.00 -13.28
C LEU B 33 19.08 14.31 -11.92
N GLU B 34 18.04 14.33 -11.11
CA GLU B 34 18.12 13.79 -9.77
C GLU B 34 16.70 13.61 -9.27
N SER B 35 16.45 12.56 -8.48
CA SER B 35 15.15 12.28 -7.97
C SER B 35 15.18 11.51 -6.66
N PHE B 36 14.11 11.59 -5.95
CA PHE B 36 13.91 10.83 -4.74
C PHE B 36 12.42 10.81 -4.45
N ARG B 37 11.84 9.60 -4.35
CA ARG B 37 10.40 9.40 -4.28
C ARG B 37 9.59 10.10 -5.36
N PRO B 38 10.11 9.94 -6.55
CA PRO B 38 9.45 10.73 -7.60
C PRO B 38 8.01 10.36 -7.82
N GLU B 39 7.60 9.11 -7.51
CA GLU B 39 6.25 8.70 -7.76
C GLU B 39 5.36 8.68 -6.54
N GLU B 40 5.85 9.24 -5.44
CA GLU B 40 5.03 9.32 -4.24
C GLU B 40 4.19 10.63 -4.10
N ARG B 41 3.03 10.55 -3.51
CA ARG B 41 2.14 11.69 -3.41
C ARG B 41 2.45 12.52 -2.17
N PHE B 42 2.34 13.83 -2.33
CA PHE B 42 2.55 14.82 -1.29
C PHE B 42 1.45 15.87 -1.46
N PRO B 43 0.95 16.45 -0.39
CA PRO B 43 0.00 17.56 -0.52
C PRO B 43 0.65 18.74 -1.22
N MET B 44 -0.09 19.36 -2.13
CA MET B 44 0.44 20.48 -2.90
C MET B 44 0.54 21.73 -2.05
N MET B 45 -0.42 21.92 -1.13
CA MET B 45 -0.53 23.16 -0.35
C MET B 45 -0.61 24.35 -1.29
N SER B 46 0.08 25.43 -0.93
CA SER B 46 0.00 26.67 -1.70
C SER B 46 0.63 26.56 -3.08
N THR B 47 1.45 25.54 -3.31
CA THR B 47 2.11 25.40 -4.61
C THR B 47 1.11 25.18 -5.75
N PHE B 48 -0.13 24.79 -5.43
CA PHE B 48 -1.15 24.60 -6.45
C PHE B 48 -1.54 25.91 -7.13
N LYS B 49 -1.29 27.05 -6.48
CA LYS B 49 -1.71 28.33 -7.03
C LYS B 49 -1.02 28.65 -8.36
N VAL B 50 0.16 28.08 -8.60
CA VAL B 50 0.83 28.27 -9.89
C VAL B 50 0.06 27.55 -11.00
N LEU B 51 -0.41 26.33 -10.74
CA LEU B 51 -1.21 25.63 -11.73
C LEU B 51 -2.56 26.31 -11.93
N LEU B 52 -3.12 26.87 -10.86
CA LEU B 52 -4.38 27.61 -10.96
C LEU B 52 -4.23 28.82 -11.88
N CYS B 53 -3.14 29.58 -11.69
CA CYS B 53 -2.91 30.74 -12.54
C CYS B 53 -2.44 30.34 -13.93
N GLY B 54 -1.90 29.14 -14.10
CA GLY B 54 -1.68 28.63 -15.43
C GLY B 54 -2.98 28.32 -16.15
N ALA B 55 -3.92 27.69 -15.45
CA ALA B 55 -5.26 27.46 -16.00
C ALA B 55 -5.93 28.79 -16.34
N VAL B 56 -5.77 29.76 -15.47
CA VAL B 56 -6.33 31.06 -15.73
C VAL B 56 -5.75 31.74 -16.98
N LEU B 57 -4.47 31.67 -17.13
CA LEU B 57 -3.86 32.27 -18.31
C LEU B 57 -4.25 31.54 -19.64
N SER B 58 -4.49 30.27 -19.51
CA SER B 58 -4.97 29.52 -20.70
C SER B 58 -6.32 30.08 -21.13
N ARG B 59 -7.21 30.30 -20.20
CA ARG B 59 -8.48 30.93 -20.55
C ARG B 59 -8.30 32.36 -21.04
N VAL B 60 -7.33 33.07 -20.55
CA VAL B 60 -7.06 34.41 -21.09
C VAL B 60 -6.65 34.32 -22.57
N ASP B 61 -5.73 33.42 -22.85
CA ASP B 61 -5.30 33.20 -24.22
C ASP B 61 -6.48 32.87 -25.18
N ALA B 62 -7.41 32.09 -24.66
CA ALA B 62 -8.56 31.71 -25.44
C ALA B 62 -9.63 32.79 -25.50
N GLY B 63 -9.45 33.91 -24.74
CA GLY B 63 -10.49 34.92 -24.72
C GLY B 63 -11.67 34.60 -23.84
N GLN B 64 -11.60 33.52 -23.06
CA GLN B 64 -12.64 33.24 -22.08
C GLN B 64 -12.45 34.04 -20.80
N GLU B 65 -11.28 34.67 -20.64
CA GLU B 65 -10.95 35.48 -19.48
C GLU B 65 -10.14 36.67 -19.97
N GLN B 66 -10.16 37.75 -19.19
CA GLN B 66 -9.35 38.93 -19.48
C GLN B 66 -8.58 39.29 -18.24
N LEU B 67 -7.28 39.59 -18.41
CA LEU B 67 -6.44 39.89 -17.26
C LEU B 67 -6.88 41.17 -16.56
N GLY B 68 -7.50 42.08 -17.29
CA GLY B 68 -8.02 43.32 -16.74
C GLY B 68 -9.42 43.25 -16.16
N ARG B 69 -10.09 42.11 -16.27
CA ARG B 69 -11.45 41.99 -15.75
C ARG B 69 -11.47 42.12 -14.23
N ARG B 70 -12.49 42.78 -13.73
CA ARG B 70 -12.60 43.06 -12.31
C ARG B 70 -13.60 42.24 -11.56
N ILE B 71 -13.14 41.62 -10.45
CA ILE B 71 -13.99 40.82 -9.62
C ILE B 71 -14.25 41.45 -8.28
N HIS B 72 -15.50 41.50 -7.94
CA HIS B 72 -15.91 42.00 -6.68
C HIS B 72 -16.34 40.87 -5.76
N TYR B 73 -16.11 41.05 -4.48
CA TYR B 73 -16.41 40.02 -3.53
C TYR B 73 -16.78 40.61 -2.18
N SER B 74 -17.03 39.76 -1.22
CA SER B 74 -17.44 40.26 0.04
C SER B 74 -16.73 39.66 1.21
N GLN B 75 -17.10 40.16 2.33
CA GLN B 75 -16.44 39.71 3.60
C GLN B 75 -16.59 38.23 3.93
N ASN B 76 -17.76 37.70 3.66
CA ASN B 76 -17.92 36.24 3.89
C ASN B 76 -17.12 35.34 2.93
N ASP B 77 -16.36 35.92 2.05
CA ASP B 77 -15.56 35.17 1.12
C ASP B 77 -14.15 35.15 1.66
N LEU B 78 -13.86 36.10 2.52
CA LEU B 78 -12.52 36.19 3.06
C LEU B 78 -12.29 35.03 3.96
N VAL B 79 -11.29 34.19 3.65
CA VAL B 79 -10.86 33.04 4.47
C VAL B 79 -9.48 33.33 5.10
N GLU B 80 -9.00 32.40 5.89
CA GLU B 80 -7.77 32.63 6.56
C GLU B 80 -6.60 32.87 5.65
N TYR B 81 -5.70 33.68 6.08
CA TYR B 81 -4.56 34.13 5.30
C TYR B 81 -4.94 34.83 3.96
N SER B 82 -5.36 36.07 4.09
CA SER B 82 -5.77 36.83 2.91
C SER B 82 -5.26 38.27 3.08
N PRO B 83 -3.98 38.42 3.02
CA PRO B 83 -3.40 39.74 3.27
C PRO B 83 -3.64 40.81 2.21
N VAL B 84 -3.83 40.42 0.96
CA VAL B 84 -4.06 41.36 -0.13
C VAL B 84 -5.54 41.54 -0.41
N THR B 85 -6.31 40.43 -0.44
CA THR B 85 -7.75 40.47 -0.66
C THR B 85 -8.55 41.22 0.43
N GLU B 86 -8.06 41.16 1.64
CA GLU B 86 -8.74 41.85 2.73
C GLU B 86 -8.75 43.39 2.52
N LYS B 87 -7.84 43.91 1.71
CA LYS B 87 -7.72 45.35 1.54
C LYS B 87 -8.45 45.96 0.34
N HIS B 88 -9.10 45.12 -0.37
CA HIS B 88 -9.75 45.50 -1.60
C HIS B 88 -11.21 45.05 -1.64
N LEU B 89 -11.90 45.13 -0.49
CA LEU B 89 -13.31 44.73 -0.47
C LEU B 89 -14.21 45.69 -1.24
N THR B 90 -13.85 46.97 -1.31
CA THR B 90 -14.71 47.98 -1.89
C THR B 90 -14.48 48.13 -3.40
N ASP B 91 -13.24 48.03 -3.83
CA ASP B 91 -12.91 48.22 -5.24
C ASP B 91 -12.89 46.93 -6.05
N GLY B 92 -12.74 45.79 -5.41
CA GLY B 92 -12.56 44.55 -6.14
C GLY B 92 -11.13 44.44 -6.65
N MET B 93 -10.82 43.31 -7.26
CA MET B 93 -9.50 43.11 -7.84
C MET B 93 -9.60 42.57 -9.25
N THR B 94 -8.62 42.93 -10.08
CA THR B 94 -8.54 42.35 -11.40
C THR B 94 -8.02 40.93 -11.32
N VAL B 95 -8.30 40.16 -12.37
CA VAL B 95 -7.77 38.81 -12.46
C VAL B 95 -6.25 38.83 -12.36
N ARG B 96 -5.61 39.81 -12.99
CA ARG B 96 -4.16 39.95 -12.88
C ARG B 96 -3.74 40.20 -11.44
N GLU B 97 -4.45 41.10 -10.73
CA GLU B 97 -4.12 41.38 -9.34
C GLU B 97 -4.39 40.17 -8.45
N LEU B 98 -5.38 39.35 -8.80
CA LEU B 98 -5.69 38.19 -7.98
C LEU B 98 -4.63 37.10 -8.13
N CYS B 99 -4.13 36.90 -9.34
CA CYS B 99 -3.05 35.93 -9.54
C CYS B 99 -1.76 36.42 -8.90
N SER B 100 -1.52 37.74 -8.94
CA SER B 100 -0.36 38.29 -8.25
C SER B 100 -0.45 38.05 -6.75
N ALA B 101 -1.64 38.21 -6.17
CA ALA B 101 -1.82 37.97 -4.75
C ALA B 101 -1.69 36.49 -4.41
N ALA B 102 -2.23 35.62 -5.27
CA ALA B 102 -2.18 34.19 -5.00
C ALA B 102 -0.75 33.64 -5.11
N ILE B 103 0.05 34.19 -6.02
CA ILE B 103 1.39 33.68 -6.24
C ILE B 103 2.41 34.36 -5.35
N THR B 104 2.41 35.71 -5.32
CA THR B 104 3.48 36.43 -4.66
C THR B 104 3.29 36.54 -3.15
N MET B 105 2.08 36.48 -2.65
CA MET B 105 1.83 36.54 -1.26
C MET B 105 1.13 35.33 -0.71
N SER B 106 0.77 34.41 -1.61
CA SER B 106 0.02 33.23 -1.20
C SER B 106 -1.33 33.46 -0.61
N ASP B 107 -2.01 34.49 -1.09
CA ASP B 107 -3.33 34.81 -0.62
C ASP B 107 -4.32 33.69 -0.85
N ASN B 108 -5.05 33.33 0.15
CA ASN B 108 -5.95 32.20 0.00
C ASN B 108 -7.30 32.60 -0.59
N THR B 109 -7.82 33.77 -0.23
CA THR B 109 -9.07 34.23 -0.83
C THR B 109 -8.89 34.48 -2.32
N ALA B 110 -7.75 35.06 -2.72
CA ALA B 110 -7.45 35.22 -4.13
C ALA B 110 -7.49 33.88 -4.86
N ALA B 111 -6.97 32.83 -4.22
CA ALA B 111 -6.99 31.51 -4.84
C ALA B 111 -8.41 31.00 -5.02
N ASN B 112 -9.21 31.18 -4.01
CA ASN B 112 -10.53 30.68 -4.10
C ASN B 112 -11.31 31.43 -5.21
N LEU B 113 -11.08 32.75 -5.29
CA LEU B 113 -11.81 33.52 -6.29
C LEU B 113 -11.40 33.07 -7.66
N LEU B 114 -10.11 32.84 -7.82
CA LEU B 114 -9.60 32.37 -9.13
C LEU B 114 -10.17 30.96 -9.48
N LEU B 115 -10.31 30.15 -8.49
CA LEU B 115 -10.90 28.84 -8.71
C LEU B 115 -12.34 28.95 -9.19
N THR B 116 -13.07 29.95 -8.68
CA THR B 116 -14.45 30.16 -9.12
C THR B 116 -14.51 30.56 -10.60
N THR B 117 -13.54 31.35 -11.07
CA THR B 117 -13.56 31.80 -12.45
C THR B 117 -13.40 30.64 -13.43
N ILE B 118 -12.69 29.58 -13.04
CA ILE B 118 -12.45 28.46 -13.94
C ILE B 118 -13.40 27.29 -13.73
N GLY B 119 -14.24 27.33 -12.69
CA GLY B 119 -15.18 26.27 -12.43
C GLY B 119 -14.81 25.33 -11.30
N GLY B 120 -13.89 25.72 -10.42
CA GLY B 120 -13.61 24.95 -9.23
C GLY B 120 -12.43 24.01 -9.37
N PRO B 121 -12.13 23.26 -8.28
CA PRO B 121 -11.01 22.33 -8.31
C PRO B 121 -11.05 21.23 -9.40
N LYS B 122 -12.23 20.73 -9.62
CA LYS B 122 -12.37 19.71 -10.63
C LYS B 122 -11.96 20.18 -12.02
N GLU B 123 -12.22 21.44 -12.35
CA GLU B 123 -11.82 22.02 -13.62
C GLU B 123 -10.33 22.27 -13.69
N LEU B 124 -9.73 22.54 -12.51
CA LEU B 124 -8.27 22.66 -12.52
C LEU B 124 -7.69 21.28 -12.85
N THR B 125 -8.30 20.29 -12.25
CA THR B 125 -7.83 18.95 -12.46
C THR B 125 -8.12 18.58 -13.94
N ALA B 126 -9.28 18.99 -14.42
CA ALA B 126 -9.55 18.74 -15.83
C ALA B 126 -8.56 19.49 -16.72
N PHE B 127 -8.21 20.73 -16.36
CA PHE B 127 -7.17 21.45 -17.08
C PHE B 127 -5.85 20.69 -17.07
N LEU B 128 -5.45 20.20 -15.89
CA LEU B 128 -4.20 19.47 -15.76
C LEU B 128 -4.22 18.17 -16.54
N HIS B 129 -5.33 17.45 -16.47
CA HIS B 129 -5.50 16.25 -17.29
C HIS B 129 -5.20 16.54 -18.76
N ASN B 130 -5.84 17.57 -19.31
CA ASN B 130 -5.75 17.82 -20.75
C ASN B 130 -4.36 18.26 -21.20
N MET B 131 -3.50 18.72 -20.29
CA MET B 131 -2.13 19.03 -20.67
C MET B 131 -1.17 17.86 -20.42
N GLY B 132 -1.69 16.69 -20.05
CA GLY B 132 -0.88 15.51 -19.93
C GLY B 132 -0.53 15.10 -18.51
N ASP B 133 -1.10 15.76 -17.51
CA ASP B 133 -0.87 15.41 -16.11
C ASP B 133 -2.13 14.72 -15.60
N HIS B 134 -2.11 13.39 -15.63
CA HIS B 134 -3.21 12.60 -15.10
C HIS B 134 -2.93 12.19 -13.66
N VAL B 135 -1.95 12.81 -13.02
CA VAL B 135 -1.52 12.47 -11.67
C VAL B 135 -1.97 13.52 -10.67
N THR B 136 -1.61 14.78 -10.90
CA THR B 136 -1.97 15.85 -9.98
C THR B 136 -3.47 16.02 -9.93
N ARG B 137 -3.99 16.23 -8.72
CA ARG B 137 -5.42 16.44 -8.53
C ARG B 137 -5.63 17.46 -7.43
N LEU B 138 -6.53 18.41 -7.69
CA LEU B 138 -7.07 19.27 -6.67
C LEU B 138 -8.53 18.89 -6.47
N ASP B 139 -8.94 18.84 -5.21
CA ASP B 139 -10.28 18.38 -4.86
C ASP B 139 -11.03 19.34 -3.96
N ARG B 140 -10.34 20.25 -3.28
CA ARG B 140 -10.96 21.11 -2.29
C ARG B 140 -10.50 22.54 -2.47
N TRP B 141 -11.12 23.43 -1.72
CA TRP B 141 -10.83 24.85 -1.76
C TRP B 141 -9.92 25.20 -0.58
N GLU B 142 -9.50 26.46 -0.54
CA GLU B 142 -8.80 26.91 0.64
C GLU B 142 -9.82 27.17 1.76
N PRO B 143 -9.49 26.78 3.01
CA PRO B 143 -8.22 26.21 3.46
C PRO B 143 -8.19 24.69 3.56
N GLU B 144 -9.29 24.01 3.25
CA GLU B 144 -9.38 22.57 3.50
C GLU B 144 -8.37 21.76 2.69
N LEU B 145 -7.81 22.33 1.63
CA LEU B 145 -6.90 21.56 0.78
C LEU B 145 -5.56 21.29 1.45
N ASN B 146 -5.28 21.91 2.60
CA ASN B 146 -4.03 21.72 3.32
C ASN B 146 -4.15 20.72 4.46
N GLU B 147 -5.21 19.91 4.46
CA GLU B 147 -5.46 19.02 5.59
C GLU B 147 -4.34 17.98 5.73
N ALA B 148 -3.84 17.49 4.60
CA ALA B 148 -2.66 16.61 4.57
C ALA B 148 -2.82 15.35 5.42
N ILE B 149 -4.03 14.83 5.54
CA ILE B 149 -4.30 13.57 6.22
C ILE B 149 -3.42 12.48 5.62
N PRO B 150 -2.79 11.62 6.45
CA PRO B 150 -1.97 10.55 5.89
C PRO B 150 -2.77 9.67 4.94
N ASN B 151 -2.05 9.32 3.87
CA ASN B 151 -2.60 8.41 2.79
C ASN B 151 -3.76 8.97 1.96
N ASP B 152 -4.18 10.18 2.28
CA ASP B 152 -5.19 10.84 1.48
C ASP B 152 -4.61 11.38 0.18
N GLU B 153 -5.23 11.05 -0.93
CA GLU B 153 -4.66 11.49 -2.20
C GLU B 153 -5.30 12.81 -2.67
N ARG B 154 -6.36 13.26 -2.01
CA ARG B 154 -6.92 14.55 -2.39
C ARG B 154 -5.84 15.62 -2.32
N ASP B 155 -5.88 16.55 -3.28
CA ASP B 155 -5.04 17.74 -3.25
C ASP B 155 -3.55 17.42 -3.27
N THR B 156 -3.18 16.36 -3.99
CA THR B 156 -1.78 15.94 -4.03
C THR B 156 -1.23 16.01 -5.44
N THR B 157 0.10 15.94 -5.50
CA THR B 157 0.87 15.76 -6.71
C THR B 157 1.98 14.78 -6.40
N THR B 158 2.75 14.43 -7.41
CA THR B 158 4.03 13.77 -7.18
C THR B 158 5.15 14.73 -7.58
N PRO B 159 6.35 14.56 -7.03
CA PRO B 159 7.47 15.42 -7.46
C PRO B 159 7.67 15.38 -8.97
N ALA B 160 7.54 14.22 -9.59
CA ALA B 160 7.76 14.11 -11.04
C ALA B 160 6.63 14.76 -11.82
N ALA B 161 5.39 14.55 -11.39
CA ALA B 161 4.25 15.16 -12.09
C ALA B 161 4.30 16.68 -11.98
N MET B 162 4.54 17.19 -10.78
CA MET B 162 4.59 18.64 -10.59
C MET B 162 5.71 19.28 -11.39
N ALA B 163 6.89 18.65 -11.41
CA ALA B 163 8.03 19.23 -12.11
C ALA B 163 7.80 19.26 -13.62
N THR B 164 7.25 18.18 -14.17
CA THR B 164 7.01 18.15 -15.60
C THR B 164 5.87 19.09 -15.98
N THR B 165 4.84 19.17 -15.14
CA THR B 165 3.74 20.09 -15.41
C THR B 165 4.21 21.54 -15.36
N LEU B 166 5.06 21.89 -14.37
CA LEU B 166 5.63 23.22 -14.28
C LEU B 166 6.47 23.63 -15.51
N ARG B 167 7.27 22.69 -15.97
CA ARG B 167 8.05 22.93 -17.17
C ARG B 167 7.14 23.24 -18.36
N LYS B 168 6.07 22.53 -18.44
CA LYS B 168 5.18 22.75 -19.53
C LYS B 168 4.53 24.12 -19.48
N LEU B 169 4.03 24.48 -18.34
CA LEU B 169 3.40 25.78 -18.18
C LEU B 169 4.39 26.89 -18.45
N LEU B 170 5.63 26.72 -18.00
CA LEU B 170 6.62 27.77 -18.08
C LEU B 170 7.28 27.84 -19.45
N THR B 171 7.45 26.70 -20.11
CA THR B 171 8.19 26.67 -21.36
C THR B 171 7.53 25.90 -22.49
N GLY B 172 6.43 25.32 -22.26
CA GLY B 172 5.84 24.47 -23.26
C GLY B 172 4.89 25.11 -24.24
N GLU B 173 4.11 24.26 -24.93
CA GLU B 173 3.29 24.82 -26.01
C GLU B 173 1.91 25.26 -25.62
N LEU B 174 1.52 25.02 -24.42
CA LEU B 174 0.23 25.30 -23.97
C LEU B 174 -0.11 26.79 -23.97
N LEU B 175 0.75 27.57 -23.36
CA LEU B 175 0.42 28.98 -23.22
C LEU B 175 1.17 29.82 -24.25
N THR B 176 0.65 31.02 -24.49
CA THR B 176 1.37 31.97 -25.33
C THR B 176 2.60 32.50 -24.59
N LEU B 177 3.56 32.99 -25.38
CA LEU B 177 4.78 33.55 -24.79
C LEU B 177 4.48 34.65 -23.80
N ALA B 178 3.45 35.46 -24.08
CA ALA B 178 3.11 36.53 -23.15
C ALA B 178 2.56 35.98 -21.85
N SER B 179 1.84 34.87 -21.92
CA SER B 179 1.33 34.22 -20.72
C SER B 179 2.43 33.47 -19.98
N ARG B 180 3.30 32.76 -20.71
CA ARG B 180 4.46 32.14 -20.08
C ARG B 180 5.30 33.16 -19.32
N GLN B 181 5.51 34.35 -19.92
CA GLN B 181 6.32 35.36 -19.26
C GLN B 181 5.61 35.93 -18.04
N GLN B 182 4.29 36.08 -18.12
CA GLN B 182 3.54 36.57 -16.97
C GLN B 182 3.58 35.57 -15.82
N LEU B 183 3.49 34.27 -16.12
CA LEU B 183 3.46 33.27 -15.07
C LEU B 183 4.79 33.20 -14.33
N ILE B 184 5.90 33.20 -15.07
CA ILE B 184 7.21 33.19 -14.43
C ILE B 184 7.51 34.53 -13.77
N ASP B 185 6.91 35.62 -14.27
CA ASP B 185 7.11 36.92 -13.62
C ASP B 185 6.46 36.96 -12.26
N TRP B 186 5.23 36.45 -12.13
CA TRP B 186 4.59 36.35 -10.83
C TRP B 186 5.42 35.47 -9.89
N MET B 187 5.96 34.39 -10.35
CA MET B 187 6.72 33.54 -9.47
C MET B 187 8.05 34.19 -9.04
N GLU B 188 8.68 34.94 -9.95
CA GLU B 188 9.94 35.63 -9.63
C GLU B 188 9.72 36.63 -8.52
N ALA B 189 8.50 37.09 -8.43
CA ALA B 189 8.15 38.10 -7.42
C ALA B 189 7.63 37.51 -6.14
N ASP B 190 7.78 36.22 -5.94
CA ASP B 190 7.42 35.54 -4.70
C ASP B 190 8.01 36.28 -3.50
N LYS B 191 7.17 36.56 -2.51
CA LYS B 191 7.61 37.29 -1.33
C LYS B 191 7.51 36.49 -0.04
N VAL B 192 7.16 35.21 -0.10
CA VAL B 192 6.96 34.44 1.12
C VAL B 192 7.76 33.14 1.14
N ALA B 193 8.79 33.05 0.31
CA ALA B 193 9.67 31.88 0.27
C ALA B 193 11.12 32.26 0.57
N GLY B 194 11.30 33.30 1.38
CA GLY B 194 12.61 33.79 1.74
C GLY B 194 13.62 32.79 2.30
N PRO B 195 13.23 32.01 3.32
CA PRO B 195 14.20 31.12 3.97
C PRO B 195 14.41 29.78 3.28
N LEU B 196 13.83 29.57 2.10
CA LEU B 196 13.91 28.26 1.47
C LEU B 196 15.02 28.25 0.41
N LEU B 197 14.69 27.93 -0.84
CA LEU B 197 15.72 27.88 -1.86
C LEU B 197 16.40 29.24 -2.05
N ARG B 198 15.65 30.32 -1.89
CA ARG B 198 16.20 31.66 -2.08
C ARG B 198 17.36 31.93 -1.12
N SER B 199 17.29 31.39 0.10
CA SER B 199 18.35 31.60 1.08
C SER B 199 19.69 31.00 0.63
N ALA B 200 19.67 30.07 -0.32
CA ALA B 200 20.90 29.45 -0.83
C ALA B 200 21.36 30.03 -2.15
N LEU B 201 20.63 30.99 -2.71
CA LEU B 201 20.89 31.46 -4.06
C LEU B 201 22.12 32.35 -4.10
N PRO B 202 23.10 32.05 -4.96
CA PRO B 202 24.22 32.96 -5.16
C PRO B 202 23.81 34.18 -5.98
N ALA B 203 24.61 35.23 -5.88
CA ALA B 203 24.37 36.45 -6.64
C ALA B 203 24.32 36.16 -8.13
N GLY B 204 23.42 36.86 -8.83
CA GLY B 204 23.27 36.71 -10.26
C GLY B 204 22.39 35.56 -10.69
N TRP B 205 21.90 34.75 -9.76
CA TRP B 205 21.04 33.64 -10.12
C TRP B 205 19.60 34.11 -10.24
N PHE B 206 18.88 33.51 -11.19
CA PHE B 206 17.45 33.71 -11.34
C PHE B 206 16.73 32.67 -10.50
N ILE B 207 15.64 33.08 -9.85
CA ILE B 207 14.72 32.11 -9.26
C ILE B 207 13.30 32.64 -9.39
N ALA B 208 12.40 31.75 -9.76
CA ALA B 208 10.97 31.98 -9.73
C ALA B 208 10.35 30.79 -9.03
N ASP B 209 9.68 31.02 -7.91
CA ASP B 209 9.27 29.91 -7.07
C ASP B 209 7.89 30.15 -6.48
N LYS B 210 7.38 29.10 -5.82
CA LYS B 210 6.16 29.14 -5.04
C LYS B 210 6.29 28.10 -3.95
N SER B 211 6.10 28.52 -2.71
CA SER B 211 6.22 27.66 -1.54
C SER B 211 4.85 27.31 -0.99
N GLY B 212 4.85 26.42 -0.01
CA GLY B 212 3.63 26.08 0.69
C GLY B 212 3.92 25.41 2.01
N TYR B 213 2.91 25.44 2.88
CA TYR B 213 2.94 24.62 4.08
C TYR B 213 1.50 24.26 4.45
N GLY B 214 1.39 23.13 5.19
CA GLY B 214 0.10 22.68 5.64
C GLY B 214 0.20 21.87 6.90
N GLU B 215 -0.86 21.18 7.18
CA GLU B 215 -0.88 20.36 8.36
C GLU B 215 0.04 19.15 8.34
N ARG B 216 0.27 18.59 9.54
CA ARG B 216 1.09 17.39 9.68
C ARG B 216 2.47 17.56 9.12
N GLY B 217 2.97 18.75 9.36
CA GLY B 217 4.35 19.02 8.99
C GLY B 217 4.60 19.15 7.50
N SER B 218 3.58 19.53 6.74
CA SER B 218 3.73 19.66 5.30
C SER B 218 4.45 20.96 4.95
N ARG B 219 5.40 20.86 4.02
CA ARG B 219 6.20 21.99 3.57
C ARG B 219 6.77 21.63 2.20
N GLY B 220 6.81 22.61 1.32
CA GLY B 220 7.31 22.32 -0.02
C GLY B 220 7.56 23.58 -0.82
N ILE B 221 8.19 23.38 -1.98
CA ILE B 221 8.49 24.49 -2.88
C ILE B 221 8.66 23.92 -4.28
N ILE B 222 8.21 24.71 -5.26
CA ILE B 222 8.51 24.47 -6.67
C ILE B 222 9.23 25.70 -7.19
N ALA B 223 10.20 25.50 -8.08
CA ALA B 223 11.01 26.63 -8.51
C ALA B 223 11.59 26.39 -9.89
N ALA B 224 11.73 27.47 -10.64
CA ALA B 224 12.60 27.54 -11.81
C ALA B 224 13.76 28.46 -11.45
N LEU B 225 14.98 28.01 -11.69
CA LEU B 225 16.13 28.79 -11.27
C LEU B 225 17.34 28.45 -12.14
N GLY B 226 18.36 29.30 -12.03
CA GLY B 226 19.59 29.12 -12.75
C GLY B 226 20.52 30.30 -12.57
N PRO B 227 21.79 30.11 -12.91
CA PRO B 227 22.78 31.18 -12.78
C PRO B 227 22.69 32.14 -13.95
N ASP B 228 23.44 33.23 -13.90
CA ASP B 228 23.51 34.17 -15.02
C ASP B 228 22.16 34.73 -15.40
N GLY B 229 21.33 34.91 -14.42
CA GLY B 229 20.07 35.53 -14.63
C GLY B 229 19.00 34.89 -15.43
N LYS B 230 19.16 33.63 -15.68
CA LYS B 230 18.22 32.90 -16.47
C LYS B 230 17.91 31.53 -15.92
N PRO B 231 16.65 31.20 -15.92
CA PRO B 231 16.41 29.86 -15.39
C PRO B 231 16.89 28.75 -16.34
N SER B 232 17.29 27.62 -15.76
CA SER B 232 17.71 26.48 -16.58
C SER B 232 17.32 25.13 -16.01
N ARG B 233 16.85 25.07 -14.76
CA ARG B 233 16.35 23.83 -14.20
C ARG B 233 15.12 24.09 -13.36
N ILE B 234 14.37 23.03 -13.11
CA ILE B 234 13.22 23.05 -12.21
C ILE B 234 13.54 22.19 -10.99
N VAL B 235 13.26 22.68 -9.82
CA VAL B 235 13.49 21.91 -8.60
C VAL B 235 12.19 21.79 -7.89
N VAL B 236 11.86 20.59 -7.47
CA VAL B 236 10.67 20.42 -6.65
C VAL B 236 11.07 19.68 -5.34
N ILE B 237 10.58 20.17 -4.19
CA ILE B 237 10.82 19.49 -2.88
C ILE B 237 9.58 19.52 -2.03
N TYR B 238 9.10 18.37 -1.60
CA TYR B 238 7.95 18.24 -0.72
C TYR B 238 8.33 17.42 0.50
N THR B 239 7.63 17.64 1.61
CA THR B 239 7.72 16.76 2.76
C THR B 239 6.38 16.82 3.50
N THR B 240 6.04 15.71 4.16
CA THR B 240 4.85 15.68 4.99
C THR B 240 5.03 14.63 6.08
N GLY B 241 4.39 14.86 7.22
CA GLY B 241 4.40 13.93 8.32
C GLY B 241 5.25 14.36 9.50
N SER B 242 6.20 15.28 9.28
CA SER B 242 7.17 15.61 10.33
C SER B 242 6.52 16.45 11.42
N GLN B 243 6.87 16.15 12.66
CA GLN B 243 6.51 16.98 13.79
C GLN B 243 7.49 18.13 14.01
N ALA B 244 8.44 18.31 13.09
CA ALA B 244 9.45 19.33 13.23
C ALA B 244 8.84 20.72 13.11
N THR B 245 9.52 21.70 13.69
CA THR B 245 9.06 23.07 13.59
C THR B 245 9.21 23.58 12.16
N MET B 246 8.56 24.71 11.90
CA MET B 246 8.67 25.34 10.59
C MET B 246 10.11 25.72 10.30
N ASP B 247 10.85 26.12 11.33
CA ASP B 247 12.23 26.54 11.15
C ASP B 247 13.11 25.37 10.72
N GLU B 248 12.90 24.18 11.29
CA GLU B 248 13.68 23.03 10.82
C GLU B 248 13.36 22.68 9.39
N ARG B 249 12.07 22.57 9.06
CA ARG B 249 11.68 22.25 7.69
C ARG B 249 12.24 23.26 6.71
N ASN B 250 12.19 24.55 7.05
CA ASN B 250 12.80 25.58 6.21
C ASN B 250 14.28 25.32 6.03
N ARG B 251 14.99 25.04 7.13
CA ARG B 251 16.42 24.85 7.01
C ARG B 251 16.76 23.63 6.20
N GLN B 252 16.01 22.54 6.35
CA GLN B 252 16.31 21.34 5.56
C GLN B 252 16.17 21.60 4.07
N ILE B 253 15.11 22.33 3.67
CA ILE B 253 14.92 22.64 2.25
C ILE B 253 16.05 23.54 1.73
N ALA B 254 16.47 24.48 2.60
CA ALA B 254 17.58 25.31 2.21
C ALA B 254 18.89 24.58 2.01
N GLU B 255 19.11 23.60 2.87
CA GLU B 255 20.35 22.85 2.80
C GLU B 255 20.37 21.96 1.57
N ILE B 256 19.24 21.39 1.28
CA ILE B 256 19.15 20.65 0.03
C ILE B 256 19.44 21.60 -1.13
N GLY B 257 18.83 22.78 -1.06
CA GLY B 257 19.06 23.77 -2.10
C GLY B 257 20.52 24.16 -2.21
N ALA B 258 21.17 24.41 -1.07
CA ALA B 258 22.59 24.71 -1.06
C ALA B 258 23.39 23.62 -1.74
N SER B 259 23.01 22.35 -1.54
CA SER B 259 23.75 21.25 -2.14
C SER B 259 23.60 21.24 -3.65
N LEU B 260 22.36 21.31 -4.16
CA LEU B 260 22.16 21.27 -5.60
C LEU B 260 22.78 22.48 -6.26
N ILE B 261 22.96 23.62 -5.56
CA ILE B 261 23.68 24.78 -6.11
C ILE B 261 25.16 24.52 -6.19
N LYS B 262 25.61 23.96 -5.20
CA LYS B 262 27.01 23.66 -5.01
C LYS B 262 27.49 22.72 -6.11
N HIS B 263 26.70 21.72 -6.35
CA HIS B 263 26.98 20.69 -7.36
C HIS B 263 26.30 20.90 -8.71
N TRP B 264 25.61 22.03 -8.95
CA TRP B 264 25.01 22.44 -10.21
C TRP B 264 25.89 22.13 -11.41
N HIS C 2 -43.21 -20.59 20.44
CA HIS C 2 -43.55 -21.92 19.98
C HIS C 2 -42.32 -22.66 19.35
N PRO C 3 -42.18 -23.99 19.61
CA PRO C 3 -41.11 -24.77 18.92
C PRO C 3 -40.94 -24.68 17.36
N GLU C 4 -41.96 -24.25 16.63
CA GLU C 4 -41.92 -24.23 15.13
C GLU C 4 -40.88 -23.30 14.51
N THR C 5 -40.62 -22.15 15.15
CA THR C 5 -39.64 -21.27 14.53
C THR C 5 -38.23 -21.84 14.67
N LEU C 6 -37.90 -22.42 15.83
CA LEU C 6 -36.60 -23.07 15.97
C LEU C 6 -36.47 -24.23 14.98
N VAL C 7 -37.53 -25.00 14.78
CA VAL C 7 -37.48 -26.10 13.83
C VAL C 7 -37.24 -25.60 12.41
N LYS C 8 -37.88 -24.48 12.03
CA LYS C 8 -37.66 -23.94 10.70
C LYS C 8 -36.22 -23.45 10.54
N VAL C 9 -35.64 -22.89 11.60
CA VAL C 9 -34.22 -22.54 11.54
C VAL C 9 -33.40 -23.80 11.44
N LYS C 10 -33.72 -24.89 12.14
CA LYS C 10 -32.93 -26.06 12.01
C LYS C 10 -33.12 -26.73 10.58
N ASP C 11 -34.33 -26.63 10.09
CA ASP C 11 -34.60 -27.14 8.74
C ASP C 11 -33.86 -26.31 7.70
N ALA C 12 -33.77 -25.00 7.93
CA ALA C 12 -33.01 -24.19 7.01
C ALA C 12 -31.56 -24.58 6.93
N GLU C 13 -30.99 -24.90 8.08
CA GLU C 13 -29.64 -25.37 8.10
C GLU C 13 -29.44 -26.64 7.28
N ASP C 14 -30.40 -27.50 7.40
CA ASP C 14 -30.32 -28.74 6.69
C ASP C 14 -30.48 -28.52 5.16
N GLN C 15 -31.44 -27.73 4.77
CA GLN C 15 -31.68 -27.44 3.36
C GLN C 15 -30.62 -26.53 2.76
N LEU C 16 -30.01 -25.67 3.57
CA LEU C 16 -28.92 -24.83 3.07
C LEU C 16 -27.56 -25.49 3.19
N GLY C 17 -27.44 -26.53 4.02
CA GLY C 17 -26.16 -27.14 4.29
C GLY C 17 -25.18 -26.15 4.88
N ALA C 18 -25.61 -25.40 5.90
CA ALA C 18 -24.79 -24.32 6.44
C ALA C 18 -25.32 -23.91 7.81
N ARG C 19 -24.43 -23.30 8.59
CA ARG C 19 -24.81 -22.76 9.89
C ARG C 19 -25.75 -21.58 9.73
N VAL C 20 -26.81 -21.56 10.55
CA VAL C 20 -27.71 -20.43 10.63
C VAL C 20 -27.72 -19.94 12.07
N GLY C 21 -27.51 -18.64 12.24
CA GLY C 21 -27.59 -18.00 13.55
C GLY C 21 -28.85 -17.15 13.62
N TYR C 22 -29.57 -17.30 14.72
CA TYR C 22 -30.90 -16.70 14.85
C TYR C 22 -31.06 -16.19 16.27
N ILE C 23 -31.68 -15.02 16.40
CA ILE C 23 -32.01 -14.46 17.71
C ILE C 23 -33.33 -13.73 17.58
N GLU C 24 -34.24 -13.99 18.53
CA GLU C 24 -35.46 -13.22 18.69
C GLU C 24 -35.39 -12.58 20.05
N LEU C 25 -35.46 -11.23 20.03
CA LEU C 25 -35.27 -10.42 21.24
C LEU C 25 -36.37 -9.47 21.56
N ASP C 26 -36.64 -9.34 22.85
CA ASP C 26 -37.64 -8.42 23.31
C ASP C 26 -37.03 -7.02 23.36
N LEU C 27 -37.58 -6.11 22.58
CA LEU C 27 -37.05 -4.76 22.49
C LEU C 27 -37.25 -4.00 23.80
N ASN C 28 -38.27 -4.37 24.55
CA ASN C 28 -38.59 -3.64 25.78
C ASN C 28 -37.63 -4.02 26.90
N SER C 29 -37.47 -5.30 27.16
CA SER C 29 -36.65 -5.72 28.29
C SER C 29 -35.26 -6.10 27.85
N GLY C 30 -35.05 -6.33 26.56
CA GLY C 30 -33.76 -6.73 26.08
C GLY C 30 -33.42 -8.18 26.33
N LYS C 31 -34.40 -8.98 26.72
CA LYS C 31 -34.16 -10.38 26.99
C LYS C 31 -34.29 -11.16 25.69
N ILE C 32 -33.43 -12.11 25.48
CA ILE C 32 -33.60 -12.96 24.32
C ILE C 32 -34.81 -13.88 24.52
N LEU C 33 -35.70 -13.98 23.53
CA LEU C 33 -36.83 -14.88 23.59
C LEU C 33 -36.53 -16.22 22.99
N GLU C 34 -35.74 -16.24 21.95
CA GLU C 34 -35.27 -17.48 21.40
C GLU C 34 -33.95 -17.22 20.67
N SER C 35 -32.96 -18.09 20.75
CA SER C 35 -31.70 -18.05 20.04
C SER C 35 -31.42 -19.38 19.38
N PHE C 36 -30.42 -19.35 18.50
CA PHE C 36 -29.87 -20.53 17.84
C PHE C 36 -28.49 -20.13 17.36
N ARG C 37 -27.47 -20.86 17.82
CA ARG C 37 -26.07 -20.49 17.64
C ARG C 37 -25.82 -19.04 18.06
N PRO C 38 -26.29 -18.62 19.25
CA PRO C 38 -26.21 -17.20 19.60
C PRO C 38 -24.81 -16.69 19.85
N GLU C 39 -23.86 -17.55 20.22
CA GLU C 39 -22.49 -17.14 20.47
C GLU C 39 -21.54 -17.44 19.31
N GLU C 40 -22.07 -17.82 18.15
CA GLU C 40 -21.25 -18.14 17.00
C GLU C 40 -21.08 -16.93 16.08
N ARG C 41 -19.91 -16.85 15.44
CA ARG C 41 -19.60 -15.71 14.59
C ARG C 41 -20.07 -15.92 13.16
N PHE C 42 -20.56 -14.84 12.56
CA PHE C 42 -21.02 -14.75 11.19
C PHE C 42 -20.57 -13.43 10.64
N PRO C 43 -20.26 -13.36 9.34
CA PRO C 43 -19.96 -12.06 8.73
C PRO C 43 -21.16 -11.14 8.77
N MET C 44 -20.93 -9.86 9.09
CA MET C 44 -22.02 -8.90 9.12
C MET C 44 -22.48 -8.51 7.72
N MET C 45 -21.55 -8.46 6.77
CA MET C 45 -21.80 -7.98 5.40
C MET C 45 -22.40 -6.58 5.49
N SER C 46 -23.41 -6.26 4.69
CA SER C 46 -23.97 -4.91 4.66
C SER C 46 -24.69 -4.53 5.95
N THR C 47 -24.99 -5.50 6.82
CA THR C 47 -25.69 -5.19 8.06
C THR C 47 -24.86 -4.29 8.97
N PHE C 48 -23.54 -4.22 8.75
CA PHE C 48 -22.70 -3.35 9.56
C PHE C 48 -23.03 -1.88 9.34
N LYS C 49 -23.64 -1.54 8.20
CA LYS C 49 -23.92 -0.15 7.89
C LYS C 49 -24.87 0.49 8.89
N VAL C 50 -25.70 -0.31 9.58
CA VAL C 50 -26.56 0.26 10.61
C VAL C 50 -25.74 0.73 11.80
N LEU C 51 -24.77 -0.09 12.24
CA LEU C 51 -23.91 0.34 13.34
C LEU C 51 -22.99 1.49 12.90
N LEU C 52 -22.58 1.49 11.64
CA LEU C 52 -21.73 2.57 11.14
C LEU C 52 -22.45 3.91 11.23
N CYS C 53 -23.71 3.96 10.81
CA CYS C 53 -24.47 5.20 10.91
C CYS C 53 -24.90 5.50 12.34
N GLY C 54 -24.92 4.49 13.21
CA GLY C 54 -25.07 4.76 14.63
C GLY C 54 -23.87 5.48 15.20
N ALA C 55 -22.66 5.05 14.82
CA ALA C 55 -21.45 5.77 15.18
C ALA C 55 -21.50 7.19 14.63
N VAL C 56 -21.96 7.35 13.39
CA VAL C 56 -22.07 8.67 12.78
C VAL C 56 -23.03 9.55 13.58
N LEU C 57 -24.11 8.95 14.01
CA LEU C 57 -25.06 9.70 14.75
C LEU C 57 -24.51 10.08 16.16
N SER C 58 -23.76 9.17 16.75
N SER C 58 -23.75 9.17 16.75
CA SER C 58 -23.20 9.45 18.04
CA SER C 58 -23.20 9.47 18.05
C SER C 58 -22.35 10.67 17.90
C SER C 58 -22.33 10.67 17.91
N ARG C 59 -21.52 10.70 16.90
CA ARG C 59 -20.67 11.88 16.63
C ARG C 59 -21.50 13.15 16.32
N VAL C 60 -22.66 13.00 15.66
CA VAL C 60 -23.55 14.15 15.42
C VAL C 60 -24.06 14.71 16.76
N ASP C 61 -24.44 13.79 17.62
CA ASP C 61 -24.96 14.20 18.94
C ASP C 61 -23.90 15.03 19.71
N ALA C 62 -22.69 14.58 19.60
CA ALA C 62 -21.60 15.25 20.29
C ALA C 62 -21.08 16.47 19.62
N GLY C 63 -21.57 16.73 18.42
CA GLY C 63 -21.14 17.89 17.69
C GLY C 63 -19.84 17.74 16.93
N GLN C 64 -19.29 16.53 16.89
CA GLN C 64 -18.12 16.26 16.06
C GLN C 64 -18.49 16.04 14.60
N GLU C 65 -19.78 15.87 14.31
CA GLU C 65 -20.29 15.67 12.97
C GLU C 65 -21.62 16.40 12.84
N GLN C 66 -21.95 16.79 11.61
CA GLN C 66 -23.24 17.38 11.31
C GLN C 66 -23.83 16.66 10.11
N LEU C 67 -25.11 16.28 10.20
CA LEU C 67 -25.73 15.54 9.12
C LEU C 67 -25.83 16.35 7.83
N GLY C 68 -25.83 17.68 7.92
CA GLY C 68 -25.90 18.52 6.74
C GLY C 68 -24.57 18.83 6.09
N ARG C 69 -23.46 18.39 6.67
CA ARG C 69 -22.15 18.63 6.09
C ARG C 69 -22.01 17.89 4.76
N ARG C 70 -21.52 18.58 3.73
CA ARG C 70 -21.45 18.05 2.38
C ARG C 70 -20.09 17.43 2.12
N ILE C 71 -20.09 16.20 1.60
CA ILE C 71 -18.89 15.45 1.29
C ILE C 71 -18.76 15.34 -0.23
N HIS C 72 -17.63 15.79 -0.76
CA HIS C 72 -17.32 15.71 -2.18
C HIS C 72 -16.33 14.59 -2.43
N TYR C 73 -16.55 13.82 -3.48
CA TYR C 73 -15.67 12.71 -3.74
C TYR C 73 -15.40 12.65 -5.23
N SER C 74 -14.60 11.70 -5.58
CA SER C 74 -14.25 11.56 -6.96
C SER C 74 -14.72 10.29 -7.59
N GLN C 75 -14.62 10.24 -8.89
CA GLN C 75 -14.90 9.01 -9.61
C GLN C 75 -13.99 8.01 -9.01
N ASN C 76 -12.87 8.46 -8.54
CA ASN C 76 -11.86 7.61 -7.94
C ASN C 76 -12.21 6.87 -6.68
N ASP C 77 -13.21 7.34 -5.95
CA ASP C 77 -13.61 6.71 -4.71
C ASP C 77 -14.67 5.63 -4.91
N LEU C 78 -15.27 5.55 -6.09
CA LEU C 78 -16.36 4.63 -6.34
C LEU C 78 -15.87 3.19 -6.33
N VAL C 79 -16.54 2.43 -5.52
CA VAL C 79 -16.26 1.02 -5.53
C VAL C 79 -17.53 0.39 -6.05
N GLU C 80 -17.47 -0.88 -6.07
CA GLU C 80 -18.65 -1.47 -6.64
C GLU C 80 -19.90 -1.32 -5.82
N TYR C 81 -21.04 -1.37 -6.48
CA TYR C 81 -22.34 -1.17 -5.93
C TYR C 81 -22.41 0.19 -5.27
N SER C 82 -22.49 1.19 -6.10
CA SER C 82 -22.59 2.56 -5.61
C SER C 82 -23.76 3.22 -6.35
N PRO C 83 -24.92 2.65 -6.22
CA PRO C 83 -26.04 3.10 -7.06
C PRO C 83 -26.44 4.53 -6.81
N VAL C 84 -26.18 5.06 -5.61
CA VAL C 84 -26.54 6.44 -5.28
C VAL C 84 -25.35 7.37 -5.42
N THR C 85 -24.19 6.97 -4.86
CA THR C 85 -23.02 7.84 -4.91
C THR C 85 -22.48 8.04 -6.32
N GLU C 86 -22.82 7.22 -7.31
CA GLU C 86 -22.32 7.48 -8.66
C GLU C 86 -23.03 8.65 -9.34
N LYS C 87 -24.16 9.05 -8.83
CA LYS C 87 -24.96 10.12 -9.41
C LYS C 87 -24.75 11.51 -8.81
N HIS C 88 -23.84 11.61 -7.89
CA HIS C 88 -23.56 12.90 -7.23
C HIS C 88 -22.12 13.20 -7.24
N LEU C 89 -21.38 12.75 -8.22
CA LEU C 89 -19.97 13.05 -8.37
C LEU C 89 -19.76 14.55 -8.46
N THR C 90 -20.76 15.27 -8.96
CA THR C 90 -20.64 16.69 -9.21
C THR C 90 -21.06 17.55 -8.02
N ASP C 91 -22.13 17.18 -7.32
CA ASP C 91 -22.58 17.97 -6.18
C ASP C 91 -22.05 17.46 -4.85
N GLY C 92 -21.67 16.19 -4.78
CA GLY C 92 -21.35 15.60 -3.50
C GLY C 92 -22.63 15.25 -2.76
N MET C 93 -22.46 14.62 -1.60
CA MET C 93 -23.59 14.25 -0.77
C MET C 93 -23.37 14.71 0.66
N THR C 94 -24.47 15.02 1.34
CA THR C 94 -24.42 15.32 2.76
C THR C 94 -24.27 14.04 3.56
N VAL C 95 -23.79 14.17 4.76
CA VAL C 95 -23.69 13.01 5.67
C VAL C 95 -25.02 12.26 5.79
N ARG C 96 -26.10 13.01 5.92
CA ARG C 96 -27.40 12.40 5.98
C ARG C 96 -27.73 11.63 4.70
N GLU C 97 -27.43 12.25 3.56
CA GLU C 97 -27.66 11.57 2.29
C GLU C 97 -26.82 10.27 2.21
N LEU C 98 -25.60 10.24 2.77
CA LEU C 98 -24.74 9.06 2.68
C LEU C 98 -25.24 7.94 3.57
N CYS C 99 -25.76 8.28 4.76
CA CYS C 99 -26.35 7.26 5.62
C CYS C 99 -27.65 6.72 5.02
N SER C 100 -28.42 7.59 4.37
CA SER C 100 -29.60 7.12 3.64
C SER C 100 -29.20 6.19 2.51
N ALA C 101 -28.13 6.53 1.78
CA ALA C 101 -27.65 5.68 0.71
C ALA C 101 -27.09 4.38 1.26
N ALA C 102 -26.41 4.44 2.40
CA ALA C 102 -25.79 3.25 2.97
C ALA C 102 -26.83 2.29 3.53
N ILE C 103 -27.90 2.80 4.14
CA ILE C 103 -28.89 1.92 4.77
C ILE C 103 -29.98 1.51 3.80
N THR C 104 -30.58 2.47 3.09
CA THR C 104 -31.76 2.16 2.29
C THR C 104 -31.41 1.56 0.94
N MET C 105 -30.24 1.90 0.39
CA MET C 105 -29.79 1.32 -0.86
C MET C 105 -28.56 0.45 -0.71
N SER C 106 -27.98 0.40 0.48
CA SER C 106 -26.77 -0.39 0.76
C SER C 106 -25.61 0.03 -0.14
N ASP C 107 -25.54 1.33 -0.46
CA ASP C 107 -24.44 1.85 -1.25
C ASP C 107 -23.12 1.60 -0.56
N ASN C 108 -22.18 0.99 -1.28
CA ASN C 108 -20.91 0.63 -0.68
C ASN C 108 -19.95 1.82 -0.61
N THR C 109 -19.95 2.68 -1.63
CA THR C 109 -19.09 3.85 -1.57
C THR C 109 -19.54 4.80 -0.47
N ALA C 110 -20.86 4.95 -0.28
CA ALA C 110 -21.36 5.73 0.84
C ALA C 110 -20.84 5.19 2.17
N ALA C 111 -20.79 3.86 2.32
CA ALA C 111 -20.30 3.26 3.56
C ALA C 111 -18.82 3.57 3.79
N ASN C 112 -18.01 3.49 2.73
CA ASN C 112 -16.59 3.82 2.87
C ASN C 112 -16.40 5.29 3.21
N LEU C 113 -17.19 6.16 2.59
CA LEU C 113 -17.08 7.59 2.87
C LEU C 113 -17.45 7.87 4.32
N LEU C 114 -18.46 7.16 4.85
CA LEU C 114 -18.84 7.33 6.25
C LEU C 114 -17.81 6.73 7.20
N LEU C 115 -17.19 5.62 6.80
CA LEU C 115 -16.12 5.05 7.62
C LEU C 115 -14.96 6.01 7.75
N THR C 116 -14.66 6.76 6.69
CA THR C 116 -13.59 7.74 6.75
C THR C 116 -13.94 8.85 7.74
N THR C 117 -15.21 9.23 7.83
CA THR C 117 -15.60 10.29 8.76
C THR C 117 -15.37 9.92 10.21
N ILE C 118 -15.45 8.62 10.54
CA ILE C 118 -15.28 8.19 11.94
C ILE C 118 -13.88 7.67 12.22
N GLY C 119 -13.03 7.51 11.22
CA GLY C 119 -11.69 7.02 11.42
C GLY C 119 -11.45 5.57 11.04
N GLY C 120 -12.33 4.96 10.26
CA GLY C 120 -12.07 3.65 9.72
C GLY C 120 -12.68 2.52 10.54
N PRO C 121 -12.46 1.28 10.09
CA PRO C 121 -13.05 0.13 10.78
C PRO C 121 -12.59 -0.02 12.22
N LYS C 122 -11.33 0.30 12.52
CA LYS C 122 -10.83 0.23 13.89
C LYS C 122 -11.59 1.15 14.84
N GLU C 123 -12.05 2.32 14.35
CA GLU C 123 -12.77 3.25 15.19
C GLU C 123 -14.25 2.91 15.32
N LEU C 124 -14.83 2.24 14.33
CA LEU C 124 -16.16 1.66 14.52
C LEU C 124 -16.14 0.58 15.60
N THR C 125 -15.10 -0.26 15.60
CA THR C 125 -14.97 -1.30 16.62
C THR C 125 -14.81 -0.68 18.00
N ALA C 126 -14.01 0.40 18.10
CA ALA C 126 -13.85 1.07 19.39
C ALA C 126 -15.18 1.67 19.85
N PHE C 127 -15.98 2.19 18.91
CA PHE C 127 -17.32 2.64 19.24
C PHE C 127 -18.14 1.49 19.83
N LEU C 128 -18.07 0.31 19.23
CA LEU C 128 -18.81 -0.84 19.71
C LEU C 128 -18.32 -1.26 21.09
N HIS C 129 -16.99 -1.23 21.31
CA HIS C 129 -16.43 -1.44 22.63
C HIS C 129 -17.09 -0.57 23.68
N ASN C 130 -17.03 0.74 23.47
CA ASN C 130 -17.42 1.70 24.50
C ASN C 130 -18.92 1.70 24.76
N MET C 131 -19.73 1.16 23.86
CA MET C 131 -21.15 1.00 24.15
C MET C 131 -21.47 -0.38 24.70
N GLY C 132 -20.46 -1.20 24.97
CA GLY C 132 -20.65 -2.47 25.65
C GLY C 132 -20.59 -3.70 24.78
N ASP C 133 -20.23 -3.58 23.51
CA ASP C 133 -20.11 -4.73 22.62
C ASP C 133 -18.63 -5.01 22.40
N HIS C 134 -18.09 -5.96 23.16
CA HIS C 134 -16.71 -6.38 23.02
C HIS C 134 -16.56 -7.58 22.10
N VAL C 135 -17.62 -7.92 21.36
CA VAL C 135 -17.64 -9.09 20.49
C VAL C 135 -17.56 -8.68 19.02
N THR C 136 -18.48 -7.82 18.57
CA THR C 136 -18.52 -7.40 17.18
C THR C 136 -17.26 -6.63 16.82
N ARG C 137 -16.73 -6.92 15.62
CA ARG C 137 -15.53 -6.24 15.15
C ARG C 137 -15.62 -6.00 13.66
N LEU C 138 -15.25 -4.79 13.25
CA LEU C 138 -15.01 -4.48 11.84
C LEU C 138 -13.52 -4.26 11.63
N ASP C 139 -13.01 -4.82 10.54
CA ASP C 139 -11.57 -4.78 10.25
C ASP C 139 -11.23 -4.30 8.86
N ARG C 140 -12.17 -4.32 7.92
CA ARG C 140 -11.86 -4.04 6.53
C ARG C 140 -12.91 -3.09 5.95
N TRP C 141 -12.64 -2.61 4.74
CA TRP C 141 -13.50 -1.69 4.04
C TRP C 141 -14.35 -2.44 3.02
N GLU C 142 -15.25 -1.72 2.37
CA GLU C 142 -15.98 -2.32 1.25
C GLU C 142 -15.10 -2.33 0.01
N PRO C 143 -15.10 -3.43 -0.75
CA PRO C 143 -15.92 -4.63 -0.55
C PRO C 143 -15.22 -5.76 0.23
N GLU C 144 -13.97 -5.52 0.67
CA GLU C 144 -13.16 -6.59 1.23
C GLU C 144 -13.76 -7.18 2.51
N LEU C 145 -14.68 -6.47 3.18
CA LEU C 145 -15.23 -7.01 4.42
C LEU C 145 -16.21 -8.15 4.19
N ASN C 146 -16.57 -8.42 2.95
CA ASN C 146 -17.54 -9.46 2.62
C ASN C 146 -16.90 -10.76 2.19
N GLU C 147 -15.59 -10.93 2.44
CA GLU C 147 -14.88 -12.11 1.96
C GLU C 147 -15.42 -13.38 2.61
N ALA C 148 -15.82 -13.29 3.88
CA ALA C 148 -16.48 -14.40 4.59
C ALA C 148 -15.65 -15.67 4.57
N ILE C 149 -14.33 -15.53 4.61
CA ILE C 149 -13.41 -16.66 4.69
C ILE C 149 -13.84 -17.51 5.87
N PRO C 150 -13.95 -18.83 5.72
CA PRO C 150 -14.36 -19.67 6.85
C PRO C 150 -13.42 -19.52 8.04
N ASN C 151 -14.00 -19.45 9.23
CA ASN C 151 -13.33 -19.34 10.52
C ASN C 151 -12.59 -18.03 10.69
N ASP C 152 -12.71 -17.11 9.73
CA ASP C 152 -12.18 -15.77 9.90
C ASP C 152 -13.10 -14.98 10.81
N GLU C 153 -12.53 -14.37 11.85
CA GLU C 153 -13.31 -13.56 12.78
C GLU C 153 -13.39 -12.10 12.37
N ARG C 154 -12.61 -11.69 11.38
CA ARG C 154 -12.68 -10.31 10.90
C ARG C 154 -14.06 -10.00 10.36
N ASP C 155 -14.54 -8.78 10.65
CA ASP C 155 -15.79 -8.26 10.09
C ASP C 155 -16.99 -9.13 10.47
N THR C 156 -16.96 -9.68 11.68
CA THR C 156 -18.01 -10.57 12.14
C THR C 156 -18.70 -10.01 13.39
N THR C 157 -19.82 -10.64 13.74
CA THR C 157 -20.52 -10.38 14.97
C THR C 157 -21.16 -11.72 15.39
N THR C 158 -21.91 -11.73 16.43
CA THR C 158 -22.63 -12.91 16.81
C THR C 158 -24.06 -12.47 16.79
N PRO C 159 -24.97 -13.44 16.62
CA PRO C 159 -26.37 -13.09 16.67
C PRO C 159 -26.74 -12.33 17.95
N ALA C 160 -26.25 -12.80 19.12
CA ALA C 160 -26.60 -12.15 20.40
C ALA C 160 -25.99 -10.76 20.50
N ALA C 161 -24.74 -10.61 20.07
CA ALA C 161 -24.10 -9.30 20.13
C ALA C 161 -24.80 -8.30 19.21
N MET C 162 -25.10 -8.72 17.97
CA MET C 162 -25.77 -7.84 17.02
C MET C 162 -27.15 -7.45 17.51
N ALA C 163 -27.89 -8.39 18.08
CA ALA C 163 -29.25 -8.10 18.54
C ALA C 163 -29.24 -7.15 19.73
N THR C 164 -28.31 -7.34 20.67
CA THR C 164 -28.25 -6.45 21.83
C THR C 164 -27.73 -5.07 21.44
N THR C 165 -26.77 -5.00 20.55
CA THR C 165 -26.23 -3.74 20.11
C THR C 165 -27.29 -2.93 19.30
N LEU C 166 -28.05 -3.63 18.47
CA LEU C 166 -29.10 -2.92 17.75
C LEU C 166 -30.16 -2.38 18.68
N ARG C 167 -30.49 -3.18 19.70
CA ARG C 167 -31.44 -2.65 20.69
C ARG C 167 -30.87 -1.39 21.39
N LYS C 168 -29.64 -1.47 21.84
CA LYS C 168 -29.02 -0.32 22.49
C LYS C 168 -29.02 0.89 21.55
N LEU C 169 -28.72 0.66 20.27
CA LEU C 169 -28.72 1.76 19.31
C LEU C 169 -30.11 2.32 19.10
N LEU C 170 -31.13 1.45 19.02
CA LEU C 170 -32.47 1.91 18.69
C LEU C 170 -33.23 2.43 19.90
N THR C 171 -32.99 1.87 21.09
CA THR C 171 -33.77 2.20 22.26
C THR C 171 -32.94 2.48 23.50
N GLY C 172 -31.60 2.46 23.41
CA GLY C 172 -30.76 2.63 24.57
C GLY C 172 -30.39 4.08 24.83
N GLU C 173 -29.63 4.27 25.91
CA GLU C 173 -29.27 5.60 26.37
C GLU C 173 -28.22 6.26 25.49
N LEU C 174 -27.60 5.49 24.57
CA LEU C 174 -26.49 5.98 23.77
C LEU C 174 -26.85 7.23 22.96
N LEU C 175 -27.84 7.10 22.10
CA LEU C 175 -28.15 8.20 21.27
C LEU C 175 -29.30 9.06 21.75
N THR C 176 -29.36 10.27 21.20
CA THR C 176 -30.50 11.13 21.46
C THR C 176 -31.75 10.61 20.80
N LEU C 177 -32.88 11.13 21.22
CA LEU C 177 -34.12 10.67 20.65
C LEU C 177 -34.16 11.03 19.18
N ALA C 178 -33.55 12.14 18.79
CA ALA C 178 -33.60 12.43 17.37
C ALA C 178 -32.73 11.47 16.55
N SER C 179 -31.58 11.08 17.08
CA SER C 179 -30.72 10.16 16.33
C SER C 179 -31.31 8.77 16.31
N ARG C 180 -31.88 8.34 17.44
CA ARG C 180 -32.61 7.08 17.48
C ARG C 180 -33.73 7.06 16.45
N GLN C 181 -34.49 8.15 16.36
CA GLN C 181 -35.57 8.21 15.38
C GLN C 181 -35.03 8.29 13.97
N GLN C 182 -33.92 9.01 13.78
CA GLN C 182 -33.34 9.08 12.45
C GLN C 182 -32.84 7.70 12.02
N LEU C 183 -32.26 6.94 12.93
CA LEU C 183 -31.70 5.64 12.57
C LEU C 183 -32.78 4.65 12.19
N ILE C 184 -33.86 4.57 12.99
CA ILE C 184 -34.95 3.67 12.67
C ILE C 184 -35.75 4.15 11.46
N ASP C 185 -35.71 5.45 11.16
CA ASP C 185 -36.36 5.93 9.94
C ASP C 185 -35.64 5.42 8.71
N TRP C 186 -34.31 5.45 8.73
CA TRP C 186 -33.51 4.93 7.62
C TRP C 186 -33.78 3.45 7.39
N MET C 187 -33.80 2.66 8.46
CA MET C 187 -34.06 1.24 8.31
C MET C 187 -35.47 0.97 7.81
N GLU C 188 -36.44 1.77 8.28
CA GLU C 188 -37.81 1.58 7.81
C GLU C 188 -37.93 1.85 6.31
N ALA C 189 -37.04 2.67 5.76
CA ALA C 189 -37.03 3.01 4.34
C ALA C 189 -36.14 2.08 3.51
N ASP C 190 -35.77 0.94 4.01
CA ASP C 190 -34.94 -0.01 3.24
C ASP C 190 -35.60 -0.44 1.92
N LYS C 191 -34.88 -0.33 0.83
CA LYS C 191 -35.44 -0.66 -0.52
C LYS C 191 -34.78 -1.87 -1.12
N VAL C 192 -33.92 -2.48 -0.34
CA VAL C 192 -33.20 -3.62 -0.87
C VAL C 192 -33.42 -4.94 -0.10
N ALA C 193 -34.40 -5.02 0.79
CA ALA C 193 -34.66 -6.22 1.57
C ALA C 193 -36.07 -6.77 1.33
N GLY C 194 -36.60 -6.52 0.14
CA GLY C 194 -37.94 -6.93 -0.18
C GLY C 194 -38.36 -8.38 -0.02
N PRO C 195 -37.44 -9.24 -0.43
CA PRO C 195 -37.81 -10.67 -0.40
C PRO C 195 -37.53 -11.44 0.93
N LEU C 196 -37.12 -10.69 1.92
CA LEU C 196 -36.78 -11.31 3.19
C LEU C 196 -37.93 -11.19 4.21
N LEU C 197 -37.68 -10.69 5.42
CA LEU C 197 -38.71 -10.59 6.45
C LEU C 197 -39.93 -9.84 5.96
N ARG C 198 -39.73 -8.83 5.10
CA ARG C 198 -40.85 -8.05 4.59
C ARG C 198 -41.85 -8.91 3.84
N SER C 199 -41.37 -9.92 3.11
CA SER C 199 -42.26 -10.77 2.32
C SER C 199 -43.25 -11.55 3.18
N ALA C 200 -42.96 -11.75 4.46
CA ALA C 200 -43.85 -12.45 5.37
C ALA C 200 -44.65 -11.52 6.27
N LEU C 201 -44.41 -10.22 6.18
CA LEU C 201 -44.99 -9.24 7.11
C LEU C 201 -46.45 -9.00 6.75
N PRO C 202 -47.38 -9.12 7.70
CA PRO C 202 -48.78 -8.77 7.41
C PRO C 202 -48.96 -7.27 7.29
N ALA C 203 -50.05 -6.89 6.62
CA ALA C 203 -50.39 -5.49 6.45
C ALA C 203 -50.55 -4.80 7.80
N GLY C 204 -50.13 -3.54 7.86
CA GLY C 204 -50.22 -2.76 9.07
C GLY C 204 -49.08 -2.96 10.05
N TRP C 205 -48.15 -3.85 9.75
CA TRP C 205 -47.00 -4.10 10.61
C TRP C 205 -45.88 -3.11 10.32
N PHE C 206 -45.11 -2.86 11.34
CA PHE C 206 -43.96 -2.05 11.14
C PHE C 206 -42.74 -2.89 10.95
N ILE C 207 -41.84 -2.46 10.11
CA ILE C 207 -40.58 -3.06 10.02
C ILE C 207 -39.50 -2.11 9.62
N ALA C 208 -38.37 -2.18 10.32
CA ALA C 208 -37.22 -1.43 9.95
C ALA C 208 -36.06 -2.43 9.90
N ASP C 209 -35.37 -2.55 8.81
CA ASP C 209 -34.40 -3.63 8.69
C ASP C 209 -33.20 -3.20 7.86
N LYS C 210 -32.21 -4.09 7.81
CA LYS C 210 -31.04 -3.95 6.96
C LYS C 210 -30.55 -5.33 6.61
N SER C 211 -30.41 -5.60 5.32
CA SER C 211 -29.98 -6.90 4.82
C SER C 211 -28.54 -6.83 4.35
N GLY C 212 -28.00 -8.00 4.01
CA GLY C 212 -26.67 -8.10 3.45
C GLY C 212 -26.47 -9.43 2.77
N TYR C 213 -25.48 -9.47 1.89
CA TYR C 213 -25.00 -10.74 1.36
C TYR C 213 -23.52 -10.60 1.03
N GLY C 214 -22.83 -11.74 1.06
CA GLY C 214 -21.45 -11.75 0.78
C GLY C 214 -20.99 -13.03 0.17
N GLU C 215 -19.70 -13.20 0.19
CA GLU C 215 -19.18 -14.41 -0.37
C GLU C 215 -19.52 -15.66 0.46
N ARG C 216 -19.30 -16.81 -0.18
CA ARG C 216 -19.51 -18.09 0.49
C ARG C 216 -20.88 -18.24 1.02
N GLY C 217 -21.83 -17.85 0.16
CA GLY C 217 -23.22 -18.03 0.55
C GLY C 217 -23.65 -17.24 1.75
N SER C 218 -22.97 -16.13 2.05
CA SER C 218 -23.29 -15.33 3.22
C SER C 218 -24.56 -14.52 2.98
N ARG C 219 -25.42 -14.51 3.99
CA ARG C 219 -26.71 -13.83 3.90
C ARG C 219 -27.21 -13.54 5.31
N GLY C 220 -27.83 -12.38 5.50
CA GLY C 220 -28.32 -12.03 6.82
C GLY C 220 -29.25 -10.84 6.80
N ILE C 221 -29.87 -10.60 7.95
CA ILE C 221 -30.79 -9.48 8.14
C ILE C 221 -30.88 -9.18 9.62
N ILE C 222 -31.00 -7.88 9.94
CA ILE C 222 -31.36 -7.42 11.27
C ILE C 222 -32.61 -6.56 11.14
N ALA C 223 -33.51 -6.65 12.12
CA ALA C 223 -34.78 -5.96 12.00
C ALA C 223 -35.38 -5.68 13.37
N ALA C 224 -36.10 -4.57 13.45
CA ALA C 224 -37.07 -4.32 14.50
C ALA C 224 -38.45 -4.35 13.88
N LEU C 225 -39.38 -5.09 14.48
CA LEU C 225 -40.68 -5.27 13.87
C LEU C 225 -41.73 -5.54 14.94
N GLY C 226 -42.98 -5.40 14.55
CA GLY C 226 -44.09 -5.66 15.44
C GLY C 226 -45.42 -5.27 14.82
N PRO C 227 -46.46 -5.75 15.45
CA PRO C 227 -47.70 -5.33 14.92
C PRO C 227 -48.10 -3.93 15.32
N ASP C 228 -49.22 -3.49 14.85
CA ASP C 228 -49.78 -2.17 15.31
C ASP C 228 -48.92 -0.99 14.96
N GLY C 229 -48.17 -1.11 13.88
CA GLY C 229 -47.41 0.00 13.43
C GLY C 229 -46.28 0.38 14.31
N LYS C 230 -45.93 -0.53 15.21
CA LYS C 230 -44.85 -0.28 16.16
C LYS C 230 -43.91 -1.48 16.36
N PRO C 231 -42.64 -1.23 16.35
CA PRO C 231 -41.73 -2.32 16.61
C PRO C 231 -41.75 -2.76 18.08
N SER C 232 -41.59 -4.03 18.35
CA SER C 232 -41.59 -4.54 19.71
C SER C 232 -40.60 -5.67 19.94
N ARG C 233 -40.00 -6.24 18.89
CA ARG C 233 -38.94 -7.22 19.05
C ARG C 233 -37.88 -6.97 17.99
N ILE C 234 -36.69 -7.52 18.24
CA ILE C 234 -35.60 -7.51 17.28
C ILE C 234 -35.35 -8.94 16.82
N VAL C 235 -35.12 -9.05 15.49
CA VAL C 235 -34.81 -10.31 14.88
C VAL C 235 -33.50 -10.22 14.12
N VAL C 236 -32.60 -11.11 14.40
CA VAL C 236 -31.38 -11.20 13.68
C VAL C 236 -31.24 -12.65 13.06
N ILE C 237 -30.89 -12.70 11.79
CA ILE C 237 -30.69 -13.99 11.10
C ILE C 237 -29.47 -13.92 10.21
N TYR C 238 -28.51 -14.84 10.43
CA TYR C 238 -27.31 -14.89 9.61
C TYR C 238 -27.13 -16.31 9.10
N THR C 239 -26.47 -16.44 7.95
CA THR C 239 -26.02 -17.73 7.48
C THR C 239 -24.76 -17.55 6.65
N THR C 240 -23.90 -18.57 6.68
CA THR C 240 -22.70 -18.56 5.85
C THR C 240 -22.28 -20.00 5.57
N GLY C 241 -21.64 -20.19 4.41
CA GLY C 241 -21.10 -21.48 4.03
C GLY C 241 -21.88 -22.19 2.95
N SER C 242 -23.14 -21.82 2.74
CA SER C 242 -24.01 -22.56 1.83
C SER C 242 -23.64 -22.31 0.37
N GLN C 243 -23.75 -23.37 -0.44
CA GLN C 243 -23.62 -23.26 -1.89
C GLN C 243 -24.94 -22.89 -2.55
N ALA C 244 -26.03 -22.58 -1.80
CA ALA C 244 -27.36 -22.23 -2.32
C ALA C 244 -27.48 -20.91 -3.09
N THR C 245 -28.51 -20.84 -3.93
CA THR C 245 -28.72 -19.62 -4.65
C THR C 245 -29.23 -18.53 -3.72
N MET C 246 -29.11 -17.32 -4.22
CA MET C 246 -29.64 -16.18 -3.48
C MET C 246 -31.14 -16.29 -3.22
N ASP C 247 -31.86 -16.73 -4.24
CA ASP C 247 -33.28 -16.89 -4.08
C ASP C 247 -33.68 -17.85 -2.94
N GLU C 248 -32.95 -18.96 -2.84
CA GLU C 248 -33.28 -19.91 -1.80
C GLU C 248 -32.87 -19.40 -0.41
N ARG C 249 -31.73 -18.80 -0.34
CA ARG C 249 -31.39 -18.17 0.93
C ARG C 249 -32.42 -17.12 1.32
N ASN C 250 -32.92 -16.35 0.36
CA ASN C 250 -33.99 -15.39 0.63
C ASN C 250 -35.23 -16.09 1.16
N ARG C 251 -35.66 -17.16 0.49
CA ARG C 251 -36.89 -17.83 0.91
C ARG C 251 -36.73 -18.46 2.29
N GLN C 252 -35.55 -19.00 2.59
CA GLN C 252 -35.34 -19.62 3.90
C GLN C 252 -35.49 -18.59 5.00
N ILE C 253 -34.90 -17.41 4.82
CA ILE C 253 -35.05 -16.34 5.79
C ILE C 253 -36.52 -15.89 5.85
N ALA C 254 -37.19 -15.89 4.70
CA ALA C 254 -38.60 -15.49 4.67
C ALA C 254 -39.48 -16.48 5.42
N GLU C 255 -39.17 -17.75 5.28
CA GLU C 255 -39.93 -18.74 6.02
C GLU C 255 -39.70 -18.67 7.55
N ILE C 256 -38.49 -18.37 7.90
CA ILE C 256 -38.22 -18.14 9.31
C ILE C 256 -39.09 -16.98 9.83
N GLY C 257 -39.10 -15.89 9.08
CA GLY C 257 -39.89 -14.74 9.49
C GLY C 257 -41.34 -15.06 9.51
N ALA C 258 -41.69 -15.90 8.54
CA ALA C 258 -43.09 -16.32 8.55
C ALA C 258 -43.46 -17.03 9.84
N SER C 259 -42.56 -17.89 10.34
CA SER C 259 -42.87 -18.66 11.54
C SER C 259 -42.97 -17.77 12.78
N LEU C 260 -41.96 -16.95 13.03
CA LEU C 260 -41.99 -16.12 14.24
C LEU C 260 -43.12 -15.09 14.19
N ILE C 261 -43.54 -14.67 12.99
CA ILE C 261 -44.71 -13.80 12.86
C ILE C 261 -45.98 -14.57 13.20
N LYS C 262 -46.07 -15.83 12.76
CA LYS C 262 -47.28 -16.60 12.97
C LYS C 262 -47.41 -17.02 14.40
N HIS C 263 -46.29 -17.11 15.10
CA HIS C 263 -46.26 -17.50 16.50
C HIS C 263 -45.89 -16.35 17.41
N TRP C 264 -46.04 -15.12 16.92
CA TRP C 264 -45.91 -13.90 17.71
C TRP C 264 -46.74 -13.97 18.99
N HIS D 2 6.77 -30.11 24.18
CA HIS D 2 6.25 -31.50 24.25
C HIS D 2 7.19 -32.69 23.85
N PRO D 3 6.87 -33.93 24.30
CA PRO D 3 7.66 -35.08 23.81
C PRO D 3 7.61 -35.19 22.25
N GLU D 4 6.51 -34.77 21.67
CA GLU D 4 6.38 -34.76 20.19
C GLU D 4 7.42 -33.86 19.51
N THR D 5 7.67 -32.68 20.12
CA THR D 5 8.65 -31.81 19.50
C THR D 5 10.06 -32.38 19.60
N LEU D 6 10.39 -32.98 20.75
CA LEU D 6 11.68 -33.67 20.87
C LEU D 6 11.79 -34.81 19.87
N VAL D 7 10.73 -35.57 19.67
CA VAL D 7 10.78 -36.68 18.72
C VAL D 7 11.03 -36.16 17.32
N LYS D 8 10.40 -35.03 16.96
CA LYS D 8 10.61 -34.45 15.64
C LYS D 8 12.06 -33.99 15.47
N VAL D 9 12.68 -33.51 16.54
CA VAL D 9 14.09 -33.12 16.47
C VAL D 9 14.98 -34.35 16.31
N LYS D 10 14.68 -35.43 17.03
CA LYS D 10 15.47 -36.65 16.89
C LYS D 10 15.29 -37.26 15.51
N ASP D 11 14.07 -37.27 15.00
CA ASP D 11 13.83 -37.76 13.65
C ASP D 11 14.57 -36.92 12.62
N ALA D 12 14.56 -35.59 12.79
CA ALA D 12 15.33 -34.72 11.90
C ALA D 12 16.81 -35.10 11.88
N GLU D 13 17.36 -35.45 13.05
CA GLU D 13 18.74 -35.90 13.13
C GLU D 13 18.95 -37.16 12.30
N ASP D 14 17.99 -38.08 12.39
CA ASP D 14 18.07 -39.33 11.66
C ASP D 14 17.96 -39.10 10.17
N GLN D 15 17.02 -38.24 9.79
CA GLN D 15 16.74 -37.99 8.39
C GLN D 15 17.80 -37.10 7.75
N LEU D 16 18.42 -36.22 8.53
CA LEU D 16 19.50 -35.39 8.02
C LEU D 16 20.88 -36.04 8.11
N GLY D 17 21.03 -37.08 8.93
CA GLY D 17 22.31 -37.68 9.20
C GLY D 17 23.26 -36.66 9.78
N ALA D 18 22.79 -35.90 10.76
CA ALA D 18 23.56 -34.79 11.28
C ALA D 18 22.99 -34.35 12.62
N ARG D 19 23.86 -33.69 13.39
CA ARG D 19 23.51 -33.14 14.68
C ARG D 19 22.50 -32.01 14.56
N VAL D 20 21.49 -32.00 15.42
CA VAL D 20 20.55 -30.90 15.54
C VAL D 20 20.55 -30.40 16.97
N GLY D 21 20.74 -29.10 17.15
CA GLY D 21 20.68 -28.45 18.46
C GLY D 21 19.45 -27.58 18.56
N TYR D 22 18.71 -27.73 19.65
CA TYR D 22 17.47 -27.06 19.83
C TYR D 22 17.22 -26.55 21.27
N ILE D 23 16.60 -25.40 21.35
CA ILE D 23 16.17 -24.87 22.63
C ILE D 23 14.90 -24.03 22.50
N GLU D 24 13.96 -24.18 23.42
CA GLU D 24 12.80 -23.40 23.48
C GLU D 24 12.84 -22.74 24.85
N LEU D 25 12.72 -21.46 24.90
CA LEU D 25 12.93 -20.70 26.12
C LEU D 25 11.75 -19.76 26.33
N ASP D 26 11.29 -19.64 27.58
CA ASP D 26 10.30 -18.63 27.91
C ASP D 26 11.00 -17.28 27.98
N LEU D 27 10.47 -16.35 27.21
CA LEU D 27 11.13 -15.07 27.08
C LEU D 27 10.99 -14.31 28.36
N ASN D 28 9.89 -14.51 29.06
CA ASN D 28 9.67 -13.87 30.38
C ASN D 28 10.54 -14.41 31.50
N SER D 29 10.39 -15.67 31.84
CA SER D 29 11.14 -16.20 32.92
C SER D 29 12.54 -16.69 32.62
N GLY D 30 12.87 -16.95 31.38
CA GLY D 30 14.16 -17.49 31.10
C GLY D 30 14.07 -19.01 31.31
N LYS D 31 12.88 -19.49 31.59
CA LYS D 31 12.68 -20.96 31.77
C LYS D 31 12.91 -21.72 30.47
N ILE D 32 13.71 -22.78 30.56
CA ILE D 32 13.91 -23.66 29.39
C ILE D 32 12.79 -24.63 29.36
N LEU D 33 12.05 -24.60 28.28
CA LEU D 33 10.92 -25.47 28.10
C LEU D 33 11.31 -26.83 27.43
N GLU D 34 12.18 -26.84 26.43
CA GLU D 34 12.72 -28.04 25.82
C GLU D 34 14.19 -27.80 25.54
N SER D 35 14.98 -28.86 25.56
CA SER D 35 16.32 -28.74 25.04
C SER D 35 16.68 -29.99 24.25
N PHE D 36 17.74 -29.86 23.47
CA PHE D 36 18.33 -30.98 22.75
C PHE D 36 19.72 -30.53 22.34
N ARG D 37 20.73 -31.27 22.80
CA ARG D 37 22.13 -30.88 22.64
C ARG D 37 22.40 -29.41 23.01
N PRO D 38 21.92 -28.96 24.19
CA PRO D 38 22.05 -27.53 24.50
C PRO D 38 23.48 -27.09 24.74
N GLU D 39 24.38 -28.00 25.11
CA GLU D 39 25.78 -27.67 25.38
C GLU D 39 26.71 -28.00 24.22
N GLU D 40 26.19 -28.35 23.05
CA GLU D 40 27.02 -28.64 21.90
C GLU D 40 27.19 -27.40 21.03
N ARG D 41 28.37 -27.28 20.43
CA ARG D 41 28.69 -26.12 19.61
C ARG D 41 28.25 -26.32 18.17
N PHE D 42 27.76 -25.24 17.58
CA PHE D 42 27.30 -25.16 16.20
C PHE D 42 27.79 -23.86 15.61
N PRO D 43 28.10 -23.83 14.31
CA PRO D 43 28.42 -22.56 13.66
C PRO D 43 27.23 -21.61 13.67
N MET D 44 27.50 -20.34 13.98
CA MET D 44 26.43 -19.36 14.01
C MET D 44 25.95 -18.97 12.62
N MET D 45 26.88 -18.94 11.66
CA MET D 45 26.60 -18.47 10.28
C MET D 45 26.03 -17.06 10.38
N SER D 46 25.00 -16.75 9.59
CA SER D 46 24.46 -15.39 9.53
C SER D 46 23.74 -15.00 10.80
N THR D 47 23.39 -15.95 11.68
CA THR D 47 22.67 -15.62 12.90
C THR D 47 23.50 -14.73 13.83
N PHE D 48 24.81 -14.67 13.65
CA PHE D 48 25.65 -13.80 14.47
C PHE D 48 25.35 -12.32 14.22
N LYS D 49 24.77 -11.99 13.06
CA LYS D 49 24.53 -10.59 12.73
C LYS D 49 23.58 -9.92 13.71
N VAL D 50 22.72 -10.71 14.37
CA VAL D 50 21.84 -10.16 15.40
C VAL D 50 22.64 -9.76 16.62
N LEU D 51 23.61 -10.59 17.03
CA LEU D 51 24.46 -10.24 18.15
C LEU D 51 25.38 -9.08 17.80
N LEU D 52 25.83 -9.01 16.54
CA LEU D 52 26.67 -7.92 16.08
C LEU D 52 25.96 -6.58 16.19
N CYS D 53 24.71 -6.53 15.73
CA CYS D 53 23.96 -5.28 15.81
C CYS D 53 23.52 -4.97 17.23
N GLY D 54 23.47 -5.99 18.11
CA GLY D 54 23.29 -5.72 19.53
C GLY D 54 24.51 -5.04 20.13
N ALA D 55 25.67 -5.47 19.69
CA ALA D 55 26.88 -4.80 20.10
C ALA D 55 26.88 -3.36 19.54
N VAL D 56 26.44 -3.24 18.31
N VAL D 56 26.43 -3.24 18.31
CA VAL D 56 26.40 -1.94 17.70
CA VAL D 56 26.43 -1.93 17.71
C VAL D 56 25.49 -1.07 18.52
C VAL D 56 25.48 -1.05 18.51
N LEU D 57 24.33 -1.60 18.81
CA LEU D 57 23.37 -0.84 19.58
C LEU D 57 23.87 -0.51 21.02
N SER D 58 24.67 -1.38 21.58
N SER D 58 24.67 -1.38 21.58
CA SER D 58 25.21 -1.06 22.91
CA SER D 58 25.20 -1.05 22.91
C SER D 58 26.08 0.17 22.79
C SER D 58 26.09 0.18 22.80
N ARG D 59 26.89 0.23 21.75
CA ARG D 59 27.73 1.42 21.50
C ARG D 59 26.87 2.71 21.18
N VAL D 60 25.71 2.52 20.54
CA VAL D 60 24.78 3.62 20.31
C VAL D 60 24.26 4.16 21.63
N ASP D 61 23.87 3.25 22.53
CA ASP D 61 23.40 3.66 23.86
C ASP D 61 24.47 4.46 24.60
N ALA D 62 25.73 4.06 24.48
CA ALA D 62 26.82 4.74 25.17
C ALA D 62 27.27 6.01 24.45
N GLY D 63 26.75 6.29 23.25
CA GLY D 63 27.20 7.44 22.50
C GLY D 63 28.49 7.24 21.73
N GLN D 64 29.03 6.03 21.69
CA GLN D 64 30.18 5.73 20.86
C GLN D 64 29.81 5.51 19.40
N GLU D 65 28.52 5.38 19.11
CA GLU D 65 28.03 5.18 17.76
C GLU D 65 26.74 5.97 17.60
N GLN D 66 26.39 6.26 16.34
CA GLN D 66 25.16 6.87 16.04
C GLN D 66 24.54 6.16 14.82
N LEU D 67 23.28 5.87 14.95
CA LEU D 67 22.61 5.12 13.89
C LEU D 67 22.56 5.87 12.56
N GLY D 68 22.61 7.20 12.63
CA GLY D 68 22.63 8.02 11.46
C GLY D 68 23.94 8.32 10.83
N ARG D 69 25.03 7.90 11.46
CA ARG D 69 26.37 8.10 10.92
C ARG D 69 26.52 7.37 9.60
N ARG D 70 27.05 8.07 8.59
CA ARG D 70 27.16 7.54 7.25
C ARG D 70 28.54 6.93 7.04
N ILE D 71 28.56 5.70 6.54
CA ILE D 71 29.80 4.96 6.29
C ILE D 71 29.98 4.87 4.79
N HIS D 72 31.11 5.35 4.30
CA HIS D 72 31.42 5.25 2.88
C HIS D 72 32.43 4.12 2.66
N TYR D 73 32.13 3.36 1.63
CA TYR D 73 32.96 2.22 1.34
C TYR D 73 33.23 2.12 -0.16
N SER D 74 34.00 1.12 -0.57
CA SER D 74 34.42 0.97 -1.92
C SER D 74 34.24 -0.44 -2.40
N GLN D 75 34.47 -0.61 -3.70
CA GLN D 75 34.30 -1.92 -4.30
C GLN D 75 35.10 -2.99 -3.61
N ASN D 76 36.28 -2.64 -3.16
CA ASN D 76 37.18 -3.56 -2.43
C ASN D 76 36.59 -4.08 -1.14
N ASP D 77 35.55 -3.45 -0.61
CA ASP D 77 34.91 -3.97 0.59
C ASP D 77 33.83 -4.99 0.27
N LEU D 78 33.36 -5.02 -0.97
CA LEU D 78 32.27 -5.92 -1.34
C LEU D 78 32.74 -7.36 -1.37
N VAL D 79 32.04 -8.21 -0.61
CA VAL D 79 32.23 -9.64 -0.63
C VAL D 79 30.94 -10.26 -1.16
N GLU D 80 30.95 -11.58 -1.32
CA GLU D 80 29.77 -12.22 -1.87
C GLU D 80 28.57 -12.06 -0.96
N TYR D 81 27.40 -12.07 -1.60
CA TYR D 81 26.11 -11.78 -1.01
C TYR D 81 26.08 -10.41 -0.33
N SER D 82 25.93 -9.40 -1.17
CA SER D 82 25.81 -8.01 -0.74
C SER D 82 24.71 -7.34 -1.57
N PRO D 83 23.47 -7.81 -1.46
CA PRO D 83 22.42 -7.28 -2.36
C PRO D 83 22.11 -5.81 -2.11
N VAL D 84 22.34 -5.30 -0.91
CA VAL D 84 22.03 -3.91 -0.58
C VAL D 84 23.25 -3.01 -0.69
N THR D 85 24.38 -3.42 -0.11
CA THR D 85 25.57 -2.56 -0.11
C THR D 85 26.15 -2.37 -1.51
N GLU D 86 25.88 -3.27 -2.44
CA GLU D 86 26.37 -3.07 -3.81
C GLU D 86 25.67 -1.90 -4.50
N LYS D 87 24.55 -1.44 -3.96
CA LYS D 87 23.77 -0.38 -4.58
C LYS D 87 24.08 1.01 -4.02
N HIS D 88 25.02 1.12 -3.08
CA HIS D 88 25.29 2.38 -2.39
C HIS D 88 26.78 2.68 -2.33
N LEU D 89 27.52 2.34 -3.39
CA LEU D 89 28.95 2.60 -3.38
C LEU D 89 29.24 4.10 -3.42
N THR D 90 28.35 4.89 -4.03
CA THR D 90 28.59 6.32 -4.21
C THR D 90 28.06 7.17 -3.06
N ASP D 91 26.90 6.83 -2.51
CA ASP D 91 26.32 7.62 -1.43
C ASP D 91 26.70 7.11 -0.05
N GLY D 92 27.11 5.85 0.08
CA GLY D 92 27.35 5.27 1.37
C GLY D 92 26.07 4.87 2.05
N MET D 93 26.21 4.24 3.22
CA MET D 93 25.05 3.84 4.00
C MET D 93 25.24 4.26 5.46
N THR D 94 24.11 4.55 6.10
CA THR D 94 24.13 4.83 7.52
C THR D 94 24.26 3.53 8.31
N VAL D 95 24.69 3.61 9.55
CA VAL D 95 24.73 2.45 10.39
C VAL D 95 23.41 1.69 10.54
N ARG D 96 22.32 2.40 10.68
CA ARG D 96 21.00 1.79 10.76
C ARG D 96 20.68 0.99 9.47
N GLU D 97 21.06 1.58 8.37
CA GLU D 97 20.79 0.91 7.08
C GLU D 97 21.68 -0.31 7.01
N LEU D 98 22.89 -0.19 7.53
CA LEU D 98 23.78 -1.35 7.47
C LEU D 98 23.27 -2.48 8.36
N CYS D 99 22.74 -2.15 9.54
CA CYS D 99 22.14 -3.18 10.38
C CYS D 99 20.86 -3.71 9.77
N SER D 100 20.07 -2.83 9.14
CA SER D 100 18.89 -3.28 8.41
C SER D 100 19.28 -4.21 7.26
N ALA D 101 20.36 -3.87 6.55
CA ALA D 101 20.84 -4.73 5.48
C ALA D 101 21.39 -6.04 6.02
N ALA D 102 22.09 -5.98 7.15
CA ALA D 102 22.70 -7.19 7.71
C ALA D 102 21.64 -8.14 8.28
N ILE D 103 20.58 -7.61 8.86
CA ILE D 103 19.58 -8.47 9.50
C ILE D 103 18.47 -8.87 8.54
N THR D 104 17.93 -7.92 7.78
CA THR D 104 16.73 -8.22 6.98
C THR D 104 17.07 -8.91 5.67
N MET D 105 18.23 -8.62 5.08
CA MET D 105 18.66 -9.30 3.87
C MET D 105 19.91 -10.14 4.06
N SER D 106 20.52 -10.10 5.25
CA SER D 106 21.74 -10.85 5.55
C SER D 106 22.90 -10.42 4.66
N ASP D 107 22.95 -9.13 4.35
CA ASP D 107 24.05 -8.57 3.57
C ASP D 107 25.38 -8.83 4.26
N ASN D 108 26.33 -9.43 3.53
CA ASN D 108 27.60 -9.78 4.15
C ASN D 108 28.54 -8.57 4.23
N THR D 109 28.53 -7.71 3.22
CA THR D 109 29.37 -6.51 3.29
C THR D 109 28.90 -5.59 4.40
N ALA D 110 27.59 -5.46 4.58
CA ALA D 110 27.06 -4.72 5.72
C ALA D 110 27.57 -5.30 7.03
N ALA D 111 27.62 -6.64 7.12
CA ALA D 111 28.10 -7.27 8.34
C ALA D 111 29.57 -6.97 8.60
N ASN D 112 30.40 -7.02 7.54
CA ASN D 112 31.82 -6.70 7.71
C ASN D 112 32.02 -5.23 8.07
N LEU D 113 31.26 -4.33 7.44
CA LEU D 113 31.40 -2.92 7.75
C LEU D 113 31.02 -2.63 9.20
N LEU D 114 29.99 -3.31 9.70
CA LEU D 114 29.59 -3.12 11.10
C LEU D 114 30.61 -3.73 12.05
N LEU D 115 31.24 -4.84 11.67
CA LEU D 115 32.29 -5.42 12.49
C LEU D 115 33.46 -4.45 12.64
N THR D 116 33.77 -3.71 11.58
CA THR D 116 34.84 -2.72 11.64
C THR D 116 34.52 -1.61 12.64
N THR D 117 33.25 -1.21 12.72
CA THR D 117 32.87 -0.12 13.62
C THR D 117 33.08 -0.48 15.08
N ILE D 118 32.96 -1.77 15.44
CA ILE D 118 33.10 -2.17 16.83
C ILE D 118 34.47 -2.73 17.16
N GLY D 119 35.34 -2.93 16.18
CA GLY D 119 36.66 -3.45 16.42
C GLY D 119 36.89 -4.91 16.09
N GLY D 120 35.99 -5.52 15.31
CA GLY D 120 36.22 -6.85 14.80
C GLY D 120 35.58 -7.97 15.59
N PRO D 121 35.84 -9.23 15.10
CA PRO D 121 35.19 -10.37 15.74
C PRO D 121 35.60 -10.56 17.24
N LYS D 122 36.85 -10.28 17.53
CA LYS D 122 37.30 -10.31 18.93
C LYS D 122 36.57 -9.41 19.86
N GLU D 123 36.23 -8.22 19.35
CA GLU D 123 35.45 -7.29 20.15
C GLU D 123 34.01 -7.71 20.31
N LEU D 124 33.39 -8.26 19.23
CA LEU D 124 32.07 -8.85 19.42
C LEU D 124 32.12 -9.94 20.49
N THR D 125 33.19 -10.74 20.49
CA THR D 125 33.33 -11.76 21.52
C THR D 125 33.50 -11.12 22.89
N ALA D 126 34.29 -10.05 22.99
CA ALA D 126 34.45 -9.37 24.27
C ALA D 126 33.14 -8.76 24.74
N PHE D 127 32.35 -8.21 23.83
CA PHE D 127 31.02 -7.72 24.18
C PHE D 127 30.17 -8.85 24.75
N LEU D 128 30.19 -10.01 24.09
CA LEU D 128 29.39 -11.15 24.54
C LEU D 128 29.89 -11.66 25.89
N HIS D 129 31.21 -11.79 26.04
CA HIS D 129 31.79 -12.09 27.35
C HIS D 129 31.26 -11.14 28.42
N ASN D 130 31.32 -9.83 28.13
CA ASN D 130 31.01 -8.82 29.15
C ASN D 130 29.55 -8.83 29.56
N MET D 131 28.65 -9.39 28.75
CA MET D 131 27.26 -9.53 29.15
C MET D 131 26.94 -10.89 29.74
N GLY D 132 27.94 -11.74 29.96
CA GLY D 132 27.73 -13.01 30.63
C GLY D 132 27.73 -14.23 29.74
N ASP D 133 28.05 -14.09 28.46
CA ASP D 133 28.13 -15.22 27.55
C ASP D 133 29.61 -15.51 27.31
N HIS D 134 30.14 -16.45 28.07
CA HIS D 134 31.52 -16.88 27.93
C HIS D 134 31.64 -18.09 27.00
N VAL D 135 30.58 -18.41 26.26
CA VAL D 135 30.53 -19.57 25.39
C VAL D 135 30.61 -19.16 23.92
N THR D 136 29.72 -18.28 23.49
CA THR D 136 29.70 -17.83 22.10
C THR D 136 30.96 -17.05 21.76
N ARG D 137 31.50 -17.31 20.59
CA ARG D 137 32.70 -16.62 20.12
C ARG D 137 32.61 -16.40 18.62
N LEU D 138 32.96 -15.20 18.18
CA LEU D 138 33.21 -14.93 16.78
C LEU D 138 34.70 -14.72 16.59
N ASP D 139 35.24 -15.30 15.52
CA ASP D 139 36.67 -15.31 15.29
C ASP D 139 37.08 -14.83 13.91
N ARG D 140 36.18 -14.84 12.93
CA ARG D 140 36.54 -14.51 11.56
C ARG D 140 35.49 -13.57 10.97
N TRP D 141 35.81 -13.07 9.79
CA TRP D 141 34.97 -12.13 9.08
C TRP D 141 34.16 -12.87 8.02
N GLU D 142 33.30 -12.15 7.34
CA GLU D 142 32.64 -12.76 6.20
C GLU D 142 33.62 -12.76 5.01
N PRO D 143 33.67 -13.86 4.24
CA PRO D 143 32.83 -15.06 4.32
C PRO D 143 33.42 -16.24 5.09
N GLU D 144 34.65 -16.11 5.61
CA GLU D 144 35.34 -17.25 6.20
C GLU D 144 34.65 -17.79 7.45
N LEU D 145 33.74 -17.02 8.08
CA LEU D 145 33.14 -17.48 9.31
C LEU D 145 32.13 -18.60 9.12
N ASN D 146 31.76 -18.93 7.88
CA ASN D 146 30.78 -19.97 7.60
C ASN D 146 31.41 -21.30 7.23
N GLU D 147 32.71 -21.46 7.51
CA GLU D 147 33.43 -22.65 7.05
C GLU D 147 32.91 -23.94 7.71
N ALA D 148 32.57 -23.87 8.99
CA ALA D 148 31.93 -24.98 9.71
C ALA D 148 32.76 -26.27 9.67
N ILE D 149 34.08 -26.16 9.65
CA ILE D 149 34.95 -27.33 9.75
C ILE D 149 34.57 -28.13 10.97
N PRO D 150 34.48 -29.46 10.89
CA PRO D 150 34.07 -30.24 12.07
C PRO D 150 34.99 -30.01 13.26
N ASN D 151 34.37 -29.88 14.44
CA ASN D 151 35.04 -29.70 15.73
C ASN D 151 35.78 -28.38 15.82
N ASP D 152 35.64 -27.51 14.82
CA ASP D 152 36.19 -26.17 14.90
C ASP D 152 35.34 -25.35 15.85
N GLU D 153 35.99 -24.75 16.86
CA GLU D 153 35.27 -23.97 17.84
C GLU D 153 35.14 -22.49 17.45
N ARG D 154 35.85 -22.08 16.41
CA ARG D 154 35.73 -20.72 15.91
C ARG D 154 34.31 -20.46 15.41
N ASP D 155 33.80 -19.25 15.68
CA ASP D 155 32.54 -18.77 15.11
C ASP D 155 31.36 -19.64 15.53
N THR D 156 31.39 -20.16 16.76
CA THR D 156 30.35 -21.06 17.21
C THR D 156 29.60 -20.48 18.40
N THR D 157 28.44 -21.07 18.66
CA THR D 157 27.68 -20.88 19.87
C THR D 157 27.14 -22.24 20.28
N THR D 158 26.49 -22.30 21.43
CA THR D 158 25.66 -23.44 21.75
C THR D 158 24.20 -23.00 21.74
N PRO D 159 23.26 -23.92 21.53
CA PRO D 159 21.84 -23.53 21.60
C PRO D 159 21.50 -22.79 22.89
N ALA D 160 22.05 -23.24 24.02
CA ALA D 160 21.72 -22.63 25.29
C ALA D 160 22.33 -21.23 25.44
N ALA D 161 23.58 -21.07 25.02
CA ALA D 161 24.22 -19.75 25.12
C ALA D 161 23.54 -18.75 24.19
N MET D 162 23.30 -19.15 22.94
CA MET D 162 22.68 -18.25 21.98
C MET D 162 21.27 -17.83 22.41
N ALA D 163 20.49 -18.78 22.92
CA ALA D 163 19.12 -18.48 23.32
C ALA D 163 19.07 -17.54 24.52
N THR D 164 19.94 -17.77 25.51
CA THR D 164 19.96 -16.89 26.67
C THR D 164 20.53 -15.52 26.30
N THR D 165 21.53 -15.48 25.43
CA THR D 165 22.08 -14.20 24.98
C THR D 165 21.05 -13.39 24.21
N LEU D 166 20.31 -14.05 23.31
CA LEU D 166 19.24 -13.35 22.58
C LEU D 166 18.19 -12.80 23.54
N ARG D 167 17.82 -13.58 24.56
CA ARG D 167 16.86 -13.10 25.55
C ARG D 167 17.36 -11.84 26.24
N LYS D 168 18.65 -11.81 26.62
CA LYS D 168 19.20 -10.63 27.26
C LYS D 168 19.16 -9.42 26.32
N LEU D 169 19.49 -9.64 25.05
CA LEU D 169 19.50 -8.52 24.11
C LEU D 169 18.11 -7.95 23.89
N LEU D 170 17.10 -8.82 23.81
CA LEU D 170 15.75 -8.37 23.46
C LEU D 170 14.97 -7.85 24.66
N THR D 171 15.19 -8.42 25.85
CA THR D 171 14.39 -8.06 27.01
C THR D 171 15.20 -7.78 28.27
N GLY D 172 16.52 -7.83 28.21
CA GLY D 172 17.34 -7.63 29.40
C GLY D 172 17.73 -6.17 29.59
N GLU D 173 18.40 -5.93 30.72
CA GLU D 173 18.74 -4.57 31.12
C GLU D 173 19.86 -3.95 30.29
N LEU D 174 20.58 -4.76 29.51
CA LEU D 174 21.76 -4.30 28.81
C LEU D 174 21.46 -3.09 27.92
N LEU D 175 20.56 -3.27 26.95
CA LEU D 175 20.25 -2.19 26.01
C LEU D 175 19.06 -1.38 26.50
N THR D 176 18.95 -0.16 26.00
CA THR D 176 17.81 0.69 26.28
C THR D 176 16.56 0.16 25.58
N LEU D 177 15.40 0.60 26.08
CA LEU D 177 14.13 0.18 25.49
C LEU D 177 14.08 0.48 23.99
N ALA D 178 14.64 1.62 23.58
CA ALA D 178 14.61 1.99 22.17
C ALA D 178 15.53 1.11 21.32
N SER D 179 16.67 0.70 21.88
CA SER D 179 17.57 -0.18 21.15
C SER D 179 17.04 -1.61 21.12
N ARG D 180 16.50 -2.09 22.25
CA ARG D 180 15.80 -3.37 22.25
C ARG D 180 14.71 -3.37 21.18
N GLN D 181 13.88 -2.39 21.16
CA GLN D 181 12.83 -2.29 20.12
C GLN D 181 13.38 -2.29 18.64
N GLN D 182 14.42 -1.59 18.41
CA GLN D 182 14.96 -1.57 17.08
C GLN D 182 15.51 -2.94 16.63
N LEU D 183 16.13 -3.63 17.58
CA LEU D 183 16.72 -4.90 17.21
C LEU D 183 15.63 -5.90 16.86
N ILE D 184 14.57 -5.90 17.65
CA ILE D 184 13.48 -6.80 17.30
C ILE D 184 12.71 -6.30 16.08
N ASP D 185 12.71 -5.00 15.79
CA ASP D 185 12.07 -4.52 14.57
C ASP D 185 12.81 -4.97 13.33
N TRP D 186 14.15 -4.88 13.35
CA TRP D 186 14.94 -5.40 12.25
C TRP D 186 14.71 -6.89 12.08
N MET D 187 14.68 -7.63 13.20
CA MET D 187 14.44 -9.07 13.11
C MET D 187 13.04 -9.35 12.59
N GLU D 188 12.03 -8.58 12.95
CA GLU D 188 10.72 -8.85 12.43
C GLU D 188 10.61 -8.63 10.90
N ALA D 189 11.47 -7.81 10.39
CA ALA D 189 11.48 -7.47 8.95
C ALA D 189 12.36 -8.41 8.12
N ASP D 190 12.72 -9.54 8.67
CA ASP D 190 13.56 -10.52 7.99
C ASP D 190 12.90 -10.92 6.65
N LYS D 191 13.66 -10.80 5.62
CA LYS D 191 13.13 -11.16 4.27
C LYS D 191 13.74 -12.41 3.66
N VAL D 192 14.59 -13.08 4.40
CA VAL D 192 15.27 -14.23 3.84
C VAL D 192 15.05 -15.52 4.64
N ALA D 193 14.04 -15.58 5.47
CA ALA D 193 13.74 -16.76 6.26
C ALA D 193 12.32 -17.24 6.03
N GLY D 194 11.79 -17.01 4.82
CA GLY D 194 10.46 -17.42 4.44
C GLY D 194 10.15 -18.89 4.64
N PRO D 195 11.01 -19.80 4.18
CA PRO D 195 10.69 -21.23 4.26
C PRO D 195 11.00 -21.89 5.59
N LEU D 196 11.40 -21.14 6.61
CA LEU D 196 11.82 -21.75 7.87
C LEU D 196 10.69 -21.68 8.89
N LEU D 197 10.90 -21.10 10.07
CA LEU D 197 9.82 -21.06 11.02
C LEU D 197 8.60 -20.33 10.58
N ARG D 198 8.84 -19.30 9.81
CA ARG D 198 7.70 -18.51 9.32
C ARG D 198 6.65 -19.32 8.58
N SER D 199 7.09 -20.31 7.86
CA SER D 199 6.18 -21.14 7.05
C SER D 199 5.22 -21.89 7.89
N ALA D 200 5.57 -21.94 9.17
CA ALA D 200 4.67 -22.62 10.10
C ALA D 200 3.84 -21.68 10.93
N LEU D 201 3.98 -20.37 10.73
CA LEU D 201 3.36 -19.40 11.63
C LEU D 201 1.86 -19.31 11.39
N PRO D 202 1.04 -19.46 12.43
CA PRO D 202 -0.39 -19.22 12.27
C PRO D 202 -0.66 -17.73 12.15
N ALA D 203 -1.84 -17.41 11.60
CA ALA D 203 -2.24 -16.03 11.44
C ALA D 203 -2.25 -15.31 12.79
N GLY D 204 -1.80 -14.06 12.79
CA GLY D 204 -1.78 -13.27 14.00
C GLY D 204 -0.57 -13.50 14.88
N TRP D 205 0.31 -14.43 14.53
CA TRP D 205 1.49 -14.69 15.33
C TRP D 205 2.60 -13.68 14.99
N PHE D 206 3.39 -13.29 15.98
CA PHE D 206 4.55 -12.47 15.71
C PHE D 206 5.78 -13.32 15.56
N ILE D 207 6.68 -12.92 14.72
CA ILE D 207 7.95 -13.57 14.68
C ILE D 207 9.04 -12.59 14.30
N ALA D 208 10.16 -12.68 15.00
CA ALA D 208 11.29 -11.89 14.68
C ALA D 208 12.41 -12.86 14.67
N ASP D 209 13.10 -12.95 13.57
CA ASP D 209 14.06 -14.03 13.45
C ASP D 209 15.28 -13.61 12.64
N LYS D 210 16.25 -14.52 12.61
CA LYS D 210 17.43 -14.41 11.77
C LYS D 210 17.89 -15.81 11.44
N SER D 211 18.03 -16.10 10.15
CA SER D 211 18.46 -17.41 9.70
C SER D 211 19.90 -17.35 9.23
N GLY D 212 20.46 -18.51 8.95
CA GLY D 212 21.80 -18.58 8.40
C GLY D 212 22.04 -19.94 7.78
N TYR D 213 23.02 -19.97 6.90
CA TYR D 213 23.53 -21.25 6.40
C TYR D 213 25.00 -21.09 6.05
N GLY D 214 25.71 -22.21 6.08
CA GLY D 214 27.13 -22.20 5.79
C GLY D 214 27.56 -23.51 5.15
N GLU D 215 28.87 -23.76 5.14
CA GLU D 215 29.39 -24.95 4.50
C GLU D 215 29.07 -26.19 5.34
N ARG D 216 29.29 -27.35 4.73
CA ARG D 216 29.09 -28.64 5.38
C ARG D 216 27.69 -28.79 5.97
N GLY D 217 26.70 -28.37 5.21
CA GLY D 217 25.31 -28.59 5.57
C GLY D 217 24.82 -27.80 6.76
N SER D 218 25.50 -26.72 7.03
CA SER D 218 25.13 -25.94 8.22
C SER D 218 23.89 -25.08 7.95
N ARG D 219 22.95 -25.10 8.87
CA ARG D 219 21.73 -24.37 8.72
C ARG D 219 21.24 -23.99 10.15
N GLY D 220 20.60 -22.83 10.25
CA GLY D 220 20.06 -22.44 11.54
C GLY D 220 19.15 -21.23 11.58
N ILE D 221 18.48 -21.03 12.69
CA ILE D 221 17.61 -19.88 12.90
C ILE D 221 17.55 -19.57 14.39
N ILE D 222 17.49 -18.29 14.71
CA ILE D 222 17.14 -17.80 16.04
C ILE D 222 15.92 -16.93 15.88
N ALA D 223 15.00 -16.98 16.84
CA ALA D 223 13.73 -16.28 16.67
C ALA D 223 13.13 -15.93 18.03
N ALA D 224 12.44 -14.79 18.05
CA ALA D 224 11.47 -14.47 19.09
C ALA D 224 10.09 -14.49 18.46
N LEU D 225 9.16 -15.21 19.07
CA LEU D 225 7.84 -15.39 18.45
C LEU D 225 6.80 -15.66 19.53
N GLY D 226 5.54 -15.55 19.12
CA GLY D 226 4.43 -15.77 20.01
C GLY D 226 3.11 -15.48 19.33
N PRO D 227 2.02 -15.92 19.94
CA PRO D 227 0.69 -15.72 19.33
C PRO D 227 0.19 -14.30 19.55
N ASP D 228 -0.85 -13.96 18.79
CA ASP D 228 -1.57 -12.69 18.93
C ASP D 228 -0.64 -11.48 18.81
N GLY D 229 0.32 -11.53 17.98
CA GLY D 229 1.14 -10.37 17.76
C GLY D 229 2.19 -9.99 18.76
N LYS D 230 2.51 -10.89 19.68
CA LYS D 230 3.51 -10.64 20.71
C LYS D 230 4.44 -11.81 20.94
N PRO D 231 5.72 -11.53 20.91
CA PRO D 231 6.64 -12.61 21.10
C PRO D 231 6.59 -13.04 22.55
N SER D 232 6.68 -14.32 22.80
CA SER D 232 6.64 -14.83 24.16
C SER D 232 7.62 -15.97 24.42
N ARG D 233 8.26 -16.53 23.40
CA ARG D 233 9.32 -17.52 23.60
C ARG D 233 10.41 -17.27 22.58
N ILE D 234 11.59 -17.82 22.86
CA ILE D 234 12.72 -17.82 21.94
C ILE D 234 12.99 -19.24 21.49
N VAL D 235 13.23 -19.41 20.20
CA VAL D 235 13.58 -20.70 19.61
C VAL D 235 14.92 -20.56 18.92
N VAL D 236 15.81 -21.52 19.18
CA VAL D 236 17.09 -21.61 18.50
C VAL D 236 17.20 -23.02 17.93
N ILE D 237 17.56 -23.11 16.65
CA ILE D 237 17.72 -24.39 15.97
C ILE D 237 18.96 -24.30 15.09
N TYR D 238 19.90 -25.21 15.27
CA TYR D 238 21.09 -25.29 14.43
C TYR D 238 21.24 -26.73 13.96
N THR D 239 21.88 -26.88 12.80
CA THR D 239 22.33 -28.19 12.34
C THR D 239 23.58 -28.00 11.51
N THR D 240 24.46 -28.99 11.55
CA THR D 240 25.66 -28.96 10.72
C THR D 240 26.11 -30.39 10.47
N GLY D 241 26.71 -30.61 9.30
CA GLY D 241 27.22 -31.91 8.92
C GLY D 241 26.40 -32.60 7.84
N SER D 242 25.16 -32.17 7.62
CA SER D 242 24.29 -32.89 6.70
C SER D 242 24.70 -32.65 5.25
N GLN D 243 24.63 -33.71 4.44
CA GLN D 243 24.80 -33.59 3.01
C GLN D 243 23.49 -33.25 2.31
N ALA D 244 22.43 -32.98 3.09
CA ALA D 244 21.11 -32.72 2.54
C ALA D 244 21.09 -31.38 1.79
N THR D 245 20.12 -31.28 0.88
CA THR D 245 19.93 -30.04 0.13
C THR D 245 19.39 -28.95 1.04
N MET D 246 19.44 -27.72 0.52
CA MET D 246 18.89 -26.59 1.25
C MET D 246 17.40 -26.77 1.48
N ASP D 247 16.69 -27.33 0.50
CA ASP D 247 15.25 -27.49 0.62
C ASP D 247 14.88 -28.45 1.74
N GLU D 248 15.60 -29.57 1.88
CA GLU D 248 15.31 -30.48 2.98
C GLU D 248 15.64 -29.84 4.32
N ARG D 249 16.83 -29.24 4.44
CA ARG D 249 17.19 -28.59 5.70
C ARG D 249 16.15 -27.57 6.11
N ASN D 250 15.65 -26.78 5.15
CA ASN D 250 14.56 -25.85 5.43
C ASN D 250 13.33 -26.59 5.95
N ARG D 251 12.96 -27.68 5.28
CA ARG D 251 11.75 -28.40 5.64
C ARG D 251 11.86 -29.02 7.04
N GLN D 252 13.05 -29.50 7.40
CA GLN D 252 13.22 -30.07 8.74
C GLN D 252 13.04 -29.01 9.82
N ILE D 253 13.64 -27.83 9.63
CA ILE D 253 13.46 -26.75 10.60
C ILE D 253 12.00 -26.30 10.60
N ALA D 254 11.37 -26.30 9.43
CA ALA D 254 9.97 -25.89 9.34
C ALA D 254 9.07 -26.89 10.05
N GLU D 255 9.40 -28.18 10.00
CA GLU D 255 8.57 -29.18 10.66
C GLU D 255 8.78 -29.16 12.16
N ILE D 256 10.02 -28.91 12.61
CA ILE D 256 10.25 -28.67 14.03
C ILE D 256 9.43 -27.48 14.50
N GLY D 257 9.41 -26.40 13.70
CA GLY D 257 8.57 -25.26 14.04
C GLY D 257 7.10 -25.61 14.08
N ALA D 258 6.62 -26.36 13.09
CA ALA D 258 5.21 -26.78 13.09
C ALA D 258 4.84 -27.51 14.37
N SER D 259 5.73 -28.36 14.88
CA SER D 259 5.46 -29.10 16.10
C SER D 259 5.38 -28.17 17.31
N LEU D 260 6.40 -27.34 17.50
CA LEU D 260 6.40 -26.46 18.66
C LEU D 260 5.25 -25.46 18.59
N ILE D 261 4.82 -25.11 17.38
CA ILE D 261 3.61 -24.30 17.24
C ILE D 261 2.40 -25.11 17.68
N LYS D 262 2.36 -26.40 17.37
CA LYS D 262 1.18 -27.21 17.62
C LYS D 262 1.04 -27.64 19.08
N HIS D 263 2.14 -27.67 19.83
CA HIS D 263 2.10 -27.98 21.25
C HIS D 263 2.48 -26.77 22.10
N TRP D 264 2.39 -25.58 21.51
CA TRP D 264 2.59 -24.31 22.20
C TRP D 264 1.77 -24.20 23.48
OAC NXL E . -4.65 -7.80 -21.09
CAN NXL E . -4.52 -8.93 -20.76
N NXL E . -5.56 -9.90 -21.07
CAJ NXL E . -5.48 -11.34 -20.69
CA NXL E . -6.82 -9.57 -21.83
C NXL E . -8.08 -9.61 -20.93
O NXL E . -8.01 -9.89 -19.79
NAA NXL E . -9.38 -9.26 -21.52
CB NXL E . -7.06 -10.53 -23.01
CAH NXL E . -6.83 -11.95 -22.71
CAO NXL E . -5.61 -12.26 -21.92
NAK NXL E . -4.36 -12.22 -22.74
OAL NXL E . -4.17 -11.03 -23.52
SAR NXL E . -2.60 -10.57 -23.40
OAD NXL E . -2.27 -9.39 -24.29
OAE NXL E . -1.65 -11.59 -23.96
OAG NXL E . -2.27 -10.28 -21.96
OAC NXL F . 0.57 26.46 1.42
CAN NXL F . 0.24 27.58 1.24
N NXL F . -0.42 28.32 2.32
CAJ NXL F . -0.88 29.75 2.20
CA NXL F . -0.74 27.76 3.69
C NXL F . -2.25 27.58 3.92
O NXL F . -3.03 27.72 3.05
NAA NXL F . -2.72 27.23 5.27
CB NXL F . -0.22 28.66 4.82
CAH NXL F . -0.53 30.09 4.65
CAO NXL F . -0.29 30.63 3.29
NAK NXL F . 1.18 30.83 3.07
OAL NXL F . 1.86 29.58 3.00
SAR NXL F . 3.05 29.77 1.88
OAD NXL F . 3.57 31.18 1.91
OAE NXL F . 2.48 29.71 0.48
OAG NXL F . 4.16 28.78 2.09
OAC NXL G . -23.98 -7.06 2.12
CAN NXL G . -24.22 -5.99 1.67
N NXL G . -23.79 -5.64 0.32
CAJ NXL G . -24.05 -4.31 -0.35
CA NXL G . -23.03 -6.55 -0.61
C NXL G . -21.65 -6.00 -0.95
O NXL G . -21.12 -5.21 -0.25
NAA NXL G . -20.98 -6.46 -2.17
CB NXL G . -23.81 -6.77 -1.90
CAH NXL G . -24.21 -5.52 -2.56
CAO NXL G . -24.78 -4.47 -1.67
NAK NXL G . -26.23 -4.70 -1.41
OAL NXL G . -26.42 -5.98 -0.80
SAR NXL G . -27.61 -5.91 0.34
OAD NXL G . -28.93 -5.46 -0.25
OAE NXL G . -27.19 -5.05 1.50
OAG NXL G . -27.99 -7.31 0.78
OAC NXL H . 24.52 -17.42 7.05
CAN NXL H . 24.31 -16.36 6.54
N NXL H . 24.76 -16.11 5.19
CAJ NXL H . 24.54 -14.82 4.46
CA NXL H . 25.48 -17.14 4.33
C NXL H . 26.98 -16.82 4.22
O NXL H . 27.43 -15.80 4.64
NAA NXL H . 27.88 -17.80 3.60
CB NXL H . 24.88 -17.27 2.93
CAH NXL H . 24.48 -16.00 2.28
CAO NXL H . 23.78 -15.03 3.16
NAK NXL H . 22.35 -15.43 3.45
OAL NXL H . 22.27 -16.61 4.23
SAR NXL H . 20.93 -16.54 5.20
OAD NXL H . 19.75 -15.94 4.49
OAE NXL H . 21.13 -15.57 6.33
OAG NXL H . 20.59 -17.91 5.71
#